data_1MUK
#
_entry.id   1MUK
#
_cell.length_a   70.874
_cell.length_b   85.162
_cell.length_c   248.641
_cell.angle_alpha   90.00
_cell.angle_beta   90.00
_cell.angle_gamma   90.00
#
_symmetry.space_group_name_H-M   'P 21 21 21'
#
loop_
_entity.id
_entity.type
_entity.pdbx_description
1 polymer 'MINOR CORE PROTEIN LAMBDA 3'
2 water water
#
_entity_poly.entity_id   1
_entity_poly.type   'polypeptide(L)'
_entity_poly.pdbx_seq_one_letter_code
;MSSMILTQFGPFIESISGITDQSNDVFEDAAKAFSMFTRSDVYKALDEIPFSDDAMLPIPPTIYTKPSHDSYYYIDALNR
VRRKTYQGPDDVYVPNCSIVELLEPHETLTSYGRLSEAIENRAKDGDSQARIATTYGRIAESQARQIKAPLEKFVLALLV
AEAGGSLYDPVLQKYDEIPDLSHNCPLWCFREICRHISGPLPDRAPYLYLSAGVFWLMSPRMTSAIPPLLSDLVNLAILQ
QTAGLDPSLVKLGVQICLHAAASSSYSWFILKTKSIFPQNTLHSMYESLEGGYCPNLEWLEPRSDYKFMYMGVMPLSAKY
ARSAPSNDKKARELGEKYGLSSVVGELRKRTKTYVKHDFASVRYIRDAMACTSGIFLVRTPTETVLQEYTQSPEIKVPIP
QKDWTGPIGEIRILKDTTSSIARYLYRTWYLAAARMAAQPRTWDPLFQAIMRSQYVTARGGSGAALRESLYAINVSLPDF
KGLPVKAATKIFQAAQLANLPFSHTSVAILADTSMGLRNQVQRRPRSIMPLNVPQQQVSAPHTLTADYINYHMNLSPTSG
SAVIEKVIPLGVYASSPPNQSINIDISACDASITWDFFLSVIMAAIHEGVASSSIGKPFMGVPASIVNDESVVGVRAARP
ISGMQNMIQHLSKLYKRGFSYRVNDSFSPGNDFTHMTTTFPSGSTATSTEHTANNSTMMETFLTVWGPEHTDDPDVLRLM
KSLTIQRNYVCQGDDGLMIIDGTTAGKVNSETIQNDLELISKYGEEFGWKYDIAYDGTAEYLKLYFIFGCRIPNLSRHPI
VGKERANSSAEEPWPAILDQIMGVFFNGVHDGLQWQRWIRYSWALCCAFSRQRTMIGESVGYLQYPMWSFVYWGLPLVKA
FGSDPWIFSWYMPTGDLGMYSWISLIRPLMTRWMVANGYVTDRCSTVFGNADYRRCFNELKLYQGYYMAQLPRNPKKSGR
AASREVREQFTQALSDYLMQNPELKSRVLRGRSEWEKYGAGIIHNPPSLFDVPHKWYQGAQEAAIATREELAEMDETLMR
ARRHSYSSFSKLLEAYLLVKWRMCEAREPSVDLRLPLCAGIDPLNSDPFLKMVSVGPMLQSTRKYFAQTLFMAKTVSGLD
VNAIDSALLRLRTLGADKKALTAQLLMVGLQESEADALAGKIMLQDVNTVQLARVVNLAVPDTWMSLDFDSMFKHHVKLL
PKDGRHLNTDIPPRMGWLRAILRFLGAGMVMTATGVAVDIYLEDIHGGGRSLGQRFMTWMRQEGRSA
;
_entity_poly.pdbx_strand_id   A
#
# COMPACT_ATOMS: atom_id res chain seq x y z
N SER A 2 -11.59 19.48 -29.25
CA SER A 2 -10.57 20.23 -30.04
C SER A 2 -10.44 19.64 -31.44
N SER A 3 -11.29 20.09 -32.36
CA SER A 3 -11.31 19.62 -33.75
C SER A 3 -11.00 18.13 -33.87
N MET A 4 -9.73 17.77 -34.01
CA MET A 4 -9.34 16.38 -34.11
C MET A 4 -9.95 15.59 -32.93
N ILE A 5 -9.72 16.06 -31.71
CA ILE A 5 -10.25 15.39 -30.52
C ILE A 5 -11.77 15.55 -30.38
N LEU A 6 -12.22 16.79 -30.50
CA LEU A 6 -13.64 17.12 -30.40
C LEU A 6 -14.47 16.38 -31.44
N THR A 7 -13.92 16.25 -32.65
CA THR A 7 -14.60 15.58 -33.74
C THR A 7 -14.76 14.10 -33.44
N GLN A 8 -13.71 13.47 -32.92
CA GLN A 8 -13.78 12.03 -32.62
C GLN A 8 -14.36 11.58 -31.28
N PHE A 9 -14.40 12.45 -30.29
CA PHE A 9 -14.92 12.05 -28.99
C PHE A 9 -16.07 12.93 -28.53
N GLY A 10 -16.52 13.82 -29.41
CA GLY A 10 -17.61 14.75 -29.09
C GLY A 10 -18.69 14.26 -28.14
N PRO A 11 -19.49 13.27 -28.56
CA PRO A 11 -20.57 12.75 -27.71
C PRO A 11 -20.12 12.19 -26.35
N PHE A 12 -18.96 11.54 -26.32
CA PHE A 12 -18.45 10.96 -25.09
C PHE A 12 -18.02 12.09 -24.16
N ILE A 13 -17.43 13.12 -24.76
CA ILE A 13 -16.95 14.27 -24.01
C ILE A 13 -18.07 14.94 -23.23
N GLU A 14 -19.23 15.09 -23.87
CA GLU A 14 -20.34 15.73 -23.21
C GLU A 14 -20.99 14.85 -22.16
N SER A 15 -20.88 13.54 -22.34
CA SER A 15 -21.48 12.61 -21.39
C SER A 15 -20.67 12.50 -20.10
N ILE A 16 -19.40 12.88 -20.14
CA ILE A 16 -18.58 12.80 -18.95
C ILE A 16 -18.32 14.20 -18.40
N SER A 17 -19.01 15.18 -18.99
CA SER A 17 -18.90 16.56 -18.54
C SER A 17 -20.19 17.00 -17.84
N GLY A 18 -21.20 16.14 -17.81
CA GLY A 18 -22.44 16.48 -17.17
C GLY A 18 -23.48 17.13 -18.06
N ILE A 19 -23.26 17.08 -19.36
CA ILE A 19 -24.17 17.70 -20.32
C ILE A 19 -25.12 16.69 -20.96
N THR A 20 -24.65 15.45 -21.07
CA THR A 20 -25.39 14.37 -21.70
C THR A 20 -25.36 13.12 -20.82
N ASP A 21 -26.34 12.23 -20.98
CA ASP A 21 -26.34 10.98 -20.22
C ASP A 21 -25.21 10.13 -20.78
N GLN A 22 -24.69 9.21 -19.96
CA GLN A 22 -23.66 8.29 -20.40
C GLN A 22 -24.41 7.10 -20.97
N SER A 23 -23.81 6.40 -21.92
CA SER A 23 -24.48 5.24 -22.51
C SER A 23 -23.37 4.35 -23.03
N ASN A 24 -23.53 3.05 -22.84
CA ASN A 24 -22.51 2.13 -23.28
C ASN A 24 -22.14 2.29 -24.75
N ASP A 25 -23.14 2.55 -25.59
CA ASP A 25 -22.88 2.74 -27.01
C ASP A 25 -21.85 3.84 -27.23
N VAL A 26 -22.07 4.99 -26.61
CA VAL A 26 -21.13 6.08 -26.78
C VAL A 26 -19.83 5.71 -26.10
N PHE A 27 -19.90 5.11 -24.92
CA PHE A 27 -18.68 4.72 -24.21
C PHE A 27 -17.85 3.81 -25.09
N GLU A 28 -18.49 2.83 -25.71
CA GLU A 28 -17.75 1.89 -26.54
C GLU A 28 -17.26 2.49 -27.84
N ASP A 29 -17.97 3.49 -28.36
CA ASP A 29 -17.52 4.15 -29.59
C ASP A 29 -16.25 4.90 -29.21
N ALA A 30 -16.27 5.54 -28.05
CA ALA A 30 -15.10 6.27 -27.56
C ALA A 30 -13.94 5.26 -27.38
N ALA A 31 -14.24 4.09 -26.83
CA ALA A 31 -13.21 3.08 -26.63
C ALA A 31 -12.60 2.69 -27.99
N LYS A 32 -13.44 2.49 -28.99
CA LYS A 32 -12.95 2.15 -30.32
C LYS A 32 -12.07 3.30 -30.83
N ALA A 33 -12.47 4.53 -30.55
CA ALA A 33 -11.71 5.70 -31.00
C ALA A 33 -10.35 5.78 -30.35
N PHE A 34 -10.29 5.46 -29.06
CA PHE A 34 -9.00 5.50 -28.37
C PHE A 34 -8.02 4.48 -28.95
N SER A 35 -8.51 3.26 -29.17
CA SER A 35 -7.69 2.19 -29.68
C SER A 35 -7.25 2.34 -31.13
N MET A 36 -7.95 3.19 -31.89
CA MET A 36 -7.60 3.38 -33.29
C MET A 36 -6.73 4.62 -33.50
N PHE A 37 -6.64 5.43 -32.47
CA PHE A 37 -5.84 6.65 -32.50
C PHE A 37 -4.36 6.26 -32.59
N THR A 38 -3.70 6.64 -33.68
CA THR A 38 -2.30 6.32 -33.81
C THR A 38 -1.53 7.17 -32.80
N ARG A 39 -0.38 6.66 -32.39
CA ARG A 39 0.47 7.34 -31.42
C ARG A 39 0.85 8.75 -31.86
N SER A 40 1.34 8.90 -33.09
CA SER A 40 1.73 10.22 -33.57
C SER A 40 0.55 11.16 -33.71
N ASP A 41 -0.66 10.62 -33.81
CA ASP A 41 -1.81 11.49 -33.93
C ASP A 41 -1.99 12.25 -32.62
N VAL A 42 -1.64 11.62 -31.50
CA VAL A 42 -1.80 12.28 -30.21
C VAL A 42 -0.95 13.55 -30.23
N TYR A 43 0.26 13.44 -30.76
CA TYR A 43 1.16 14.58 -30.85
C TYR A 43 0.60 15.62 -31.82
N LYS A 44 -0.08 15.15 -32.88
CA LYS A 44 -0.67 16.11 -33.81
C LYS A 44 -1.80 16.83 -33.08
N ALA A 45 -2.49 16.12 -32.20
CA ALA A 45 -3.57 16.71 -31.43
C ALA A 45 -2.97 17.79 -30.51
N LEU A 46 -1.79 17.52 -29.96
CA LEU A 46 -1.14 18.49 -29.09
C LEU A 46 -0.78 19.73 -29.89
N ASP A 47 -0.40 19.54 -31.16
CA ASP A 47 -0.06 20.67 -32.06
C ASP A 47 -1.23 21.66 -32.24
N GLU A 48 -2.46 21.16 -32.22
CA GLU A 48 -3.65 22.01 -32.40
C GLU A 48 -3.92 22.94 -31.23
N ILE A 49 -3.34 22.67 -30.07
CA ILE A 49 -3.56 23.52 -28.90
C ILE A 49 -2.78 24.84 -29.00
N PRO A 50 -3.49 25.98 -28.94
CA PRO A 50 -2.93 27.34 -29.02
C PRO A 50 -2.34 27.74 -27.68
N PHE A 51 -1.21 27.14 -27.34
CA PHE A 51 -0.57 27.44 -26.08
C PHE A 51 -0.37 28.93 -25.84
N SER A 52 -0.58 29.33 -24.59
CA SER A 52 -0.43 30.72 -24.14
C SER A 52 1.02 30.96 -23.73
N ASP A 53 1.48 32.21 -23.79
CA ASP A 53 2.85 32.49 -23.42
C ASP A 53 3.15 32.06 -21.99
N ASP A 54 2.15 32.18 -21.11
CA ASP A 54 2.36 31.81 -19.72
C ASP A 54 2.59 30.31 -19.50
N ALA A 55 2.41 29.51 -20.55
CA ALA A 55 2.63 28.08 -20.42
C ALA A 55 4.05 27.73 -20.87
N MET A 56 4.83 28.76 -21.19
CA MET A 56 6.18 28.53 -21.67
C MET A 56 7.29 28.98 -20.73
N LEU A 57 8.41 28.30 -20.85
CA LEU A 57 9.59 28.65 -20.08
C LEU A 57 10.78 28.17 -20.88
N PRO A 58 11.97 28.69 -20.57
CA PRO A 58 13.20 28.31 -21.28
C PRO A 58 13.54 26.84 -21.21
N ILE A 59 13.77 26.21 -22.34
CA ILE A 59 14.15 24.80 -22.33
C ILE A 59 15.65 24.65 -22.61
N PRO A 60 16.42 24.26 -21.59
CA PRO A 60 17.88 24.05 -21.63
C PRO A 60 18.31 23.26 -22.85
N PRO A 61 19.07 23.90 -23.76
CA PRO A 61 19.51 23.18 -24.97
C PRO A 61 20.36 21.97 -24.62
N THR A 62 21.06 22.04 -23.50
CA THR A 62 21.92 20.95 -23.06
C THR A 62 21.15 19.67 -22.71
N ILE A 63 19.82 19.74 -22.75
CA ILE A 63 19.03 18.56 -22.46
C ILE A 63 19.11 17.58 -23.63
N TYR A 64 19.36 18.11 -24.82
CA TYR A 64 19.40 17.30 -26.03
C TYR A 64 20.74 16.78 -26.51
N THR A 65 21.82 17.48 -26.19
CA THR A 65 23.12 17.04 -26.66
C THR A 65 23.86 16.42 -25.51
N LYS A 66 23.86 15.10 -25.43
CA LYS A 66 24.53 14.44 -24.31
C LYS A 66 25.70 13.54 -24.69
N PRO A 67 26.68 13.42 -23.78
CA PRO A 67 27.88 12.61 -23.97
C PRO A 67 27.62 11.11 -24.06
N SER A 68 28.65 10.40 -24.49
CA SER A 68 28.61 8.96 -24.61
C SER A 68 28.58 8.37 -23.20
N HIS A 69 27.93 7.23 -23.05
CA HIS A 69 27.85 6.58 -21.76
C HIS A 69 29.23 6.08 -21.32
N ASP A 70 30.07 5.69 -22.27
CA ASP A 70 31.37 5.09 -21.94
C ASP A 70 32.23 5.65 -20.80
N SER A 71 32.32 6.96 -20.63
CA SER A 71 33.14 7.52 -19.55
C SER A 71 32.47 7.42 -18.18
N TYR A 72 31.27 6.86 -18.17
CA TYR A 72 30.48 6.74 -16.96
C TYR A 72 30.54 5.38 -16.29
N TYR A 73 31.22 4.43 -16.91
CA TYR A 73 31.35 3.11 -16.33
C TYR A 73 32.78 2.63 -16.36
N TYR A 74 33.03 1.51 -15.68
CA TYR A 74 34.35 0.90 -15.63
C TYR A 74 34.20 -0.54 -15.11
N ILE A 75 35.27 -1.31 -15.16
CA ILE A 75 35.24 -2.68 -14.67
C ILE A 75 36.05 -2.70 -13.35
N ASP A 76 35.50 -3.23 -12.28
CA ASP A 76 36.27 -3.23 -11.03
C ASP A 76 37.17 -4.44 -10.85
N ALA A 77 37.79 -4.51 -9.68
CA ALA A 77 38.70 -5.61 -9.36
C ALA A 77 38.06 -7.00 -9.46
N LEU A 78 36.76 -7.09 -9.19
CA LEU A 78 36.04 -8.35 -9.27
C LEU A 78 35.40 -8.51 -10.65
N ASN A 79 35.85 -7.69 -11.60
CA ASN A 79 35.36 -7.75 -12.97
C ASN A 79 33.85 -7.43 -13.14
N ARG A 80 33.29 -6.69 -12.18
CA ARG A 80 31.87 -6.31 -12.25
C ARG A 80 31.76 -4.96 -12.96
N VAL A 81 30.81 -4.81 -13.88
CA VAL A 81 30.62 -3.52 -14.55
C VAL A 81 30.10 -2.57 -13.47
N ARG A 82 30.77 -1.43 -13.31
CA ARG A 82 30.33 -0.51 -12.28
C ARG A 82 30.11 0.89 -12.81
N ARG A 83 29.45 1.70 -12.01
CA ARG A 83 29.23 3.06 -12.40
C ARG A 83 30.44 3.88 -11.93
N LYS A 84 30.89 4.80 -12.77
CA LYS A 84 32.04 5.64 -12.44
C LYS A 84 31.53 6.95 -11.85
N THR A 85 31.87 7.19 -10.59
CA THR A 85 31.45 8.39 -9.88
C THR A 85 32.13 9.72 -10.23
N TYR A 86 31.33 10.77 -10.35
CA TYR A 86 31.83 12.12 -10.66
C TYR A 86 31.24 13.19 -9.74
N GLN A 87 29.97 13.05 -9.38
CA GLN A 87 29.33 14.04 -8.51
C GLN A 87 29.14 13.54 -7.10
N GLY A 88 29.89 12.52 -6.70
CA GLY A 88 29.74 12.01 -5.36
C GLY A 88 29.34 10.55 -5.19
N PRO A 89 29.40 10.04 -3.96
CA PRO A 89 29.06 8.65 -3.60
C PRO A 89 27.71 8.19 -4.14
N ASP A 90 26.79 9.14 -4.31
CA ASP A 90 25.46 8.81 -4.80
C ASP A 90 25.37 8.70 -6.31
N ASP A 91 26.26 9.38 -7.02
CA ASP A 91 26.27 9.42 -8.48
C ASP A 91 26.51 8.05 -9.12
N VAL A 92 25.57 7.16 -8.83
CA VAL A 92 25.62 5.80 -9.27
C VAL A 92 24.43 5.35 -10.16
N TYR A 93 23.45 6.23 -10.36
CA TYR A 93 22.26 5.91 -11.17
C TYR A 93 22.55 5.93 -12.68
N VAL A 94 21.50 6.04 -13.49
CA VAL A 94 21.67 6.10 -14.94
C VAL A 94 22.12 7.49 -15.33
N PRO A 95 23.20 7.57 -16.12
CA PRO A 95 23.75 8.85 -16.56
C PRO A 95 23.01 9.42 -17.78
N ASN A 96 22.98 10.75 -17.91
CA ASN A 96 22.31 11.41 -19.04
C ASN A 96 23.22 11.40 -20.25
N CYS A 97 23.04 10.37 -21.07
CA CYS A 97 23.90 10.21 -22.23
C CYS A 97 23.15 9.94 -23.51
N SER A 98 23.91 9.92 -24.61
CA SER A 98 23.36 9.64 -25.92
C SER A 98 22.94 8.17 -25.89
N ILE A 99 22.26 7.72 -26.93
CA ILE A 99 21.77 6.36 -26.95
C ILE A 99 21.65 5.81 -28.37
N VAL A 100 21.44 6.69 -29.33
CA VAL A 100 21.28 6.26 -30.70
C VAL A 100 22.43 5.39 -31.24
N GLU A 101 23.67 5.81 -31.01
CA GLU A 101 24.80 5.06 -31.51
C GLU A 101 24.85 3.59 -31.05
N LEU A 102 24.05 3.24 -30.05
CA LEU A 102 24.05 1.87 -29.54
C LEU A 102 22.92 0.99 -30.05
N LEU A 103 22.06 1.51 -30.92
CA LEU A 103 20.91 0.75 -31.40
C LEU A 103 20.91 0.21 -32.84
N GLU A 104 20.09 -0.82 -33.06
CA GLU A 104 19.92 -1.44 -34.39
C GLU A 104 18.48 -1.13 -34.75
N PRO A 105 18.24 -0.53 -35.92
CA PRO A 105 16.87 -0.21 -36.32
C PRO A 105 15.93 -1.39 -36.17
N HIS A 106 14.67 -1.12 -35.81
CA HIS A 106 13.68 -2.16 -35.68
C HIS A 106 13.27 -2.61 -37.08
N GLU A 107 12.87 -3.85 -37.23
CA GLU A 107 12.46 -4.33 -38.55
C GLU A 107 11.37 -3.48 -39.20
N THR A 108 10.20 -3.42 -38.58
CA THR A 108 9.06 -2.67 -39.10
C THR A 108 9.04 -1.17 -38.78
N LEU A 109 9.47 -0.82 -37.57
CA LEU A 109 9.50 0.58 -37.15
C LEU A 109 10.88 1.15 -37.44
N THR A 110 11.16 1.37 -38.72
CA THR A 110 12.46 1.88 -39.15
C THR A 110 13.05 3.09 -38.40
N SER A 111 12.20 3.95 -37.84
CA SER A 111 12.71 5.10 -37.10
C SER A 111 12.99 4.83 -35.62
N TYR A 112 12.78 3.60 -35.18
CA TYR A 112 13.03 3.23 -33.79
C TYR A 112 14.09 2.15 -33.75
N GLY A 113 14.78 2.06 -32.62
CA GLY A 113 15.82 1.05 -32.47
C GLY A 113 15.92 0.48 -31.07
N ARG A 114 16.52 -0.71 -30.99
CA ARG A 114 16.70 -1.42 -29.74
C ARG A 114 18.20 -1.60 -29.56
N LEU A 115 18.64 -1.95 -28.35
CA LEU A 115 20.05 -2.17 -28.06
C LEU A 115 20.63 -3.16 -29.06
N SER A 116 21.76 -2.81 -29.67
CA SER A 116 22.41 -3.67 -30.67
C SER A 116 22.61 -5.13 -30.27
N GLU A 117 22.08 -6.03 -31.11
CA GLU A 117 22.19 -7.47 -30.88
C GLU A 117 23.66 -7.88 -30.91
N ALA A 118 24.44 -7.20 -31.74
CA ALA A 118 25.86 -7.49 -31.84
C ALA A 118 26.57 -7.11 -30.53
N ILE A 119 26.23 -5.94 -30.00
CA ILE A 119 26.83 -5.47 -28.75
C ILE A 119 26.52 -6.40 -27.59
N GLU A 120 25.29 -6.93 -27.53
CA GLU A 120 24.89 -7.81 -26.45
C GLU A 120 25.61 -9.17 -26.49
N ASN A 121 25.81 -9.71 -27.69
CA ASN A 121 26.47 -11.00 -27.83
C ASN A 121 27.95 -10.79 -27.58
N ARG A 122 28.45 -9.66 -28.03
CA ARG A 122 29.85 -9.34 -27.83
C ARG A 122 30.07 -9.23 -26.32
N ALA A 123 29.04 -8.78 -25.62
CA ALA A 123 29.12 -8.63 -24.17
C ALA A 123 28.95 -10.00 -23.51
N LYS A 124 28.08 -10.82 -24.07
CA LYS A 124 27.82 -12.15 -23.54
C LYS A 124 29.09 -12.99 -23.58
N ASP A 125 29.91 -12.80 -24.62
CA ASP A 125 31.14 -13.58 -24.66
C ASP A 125 32.27 -12.91 -23.89
N GLY A 126 31.93 -11.89 -23.11
CA GLY A 126 32.91 -11.24 -22.27
C GLY A 126 33.63 -9.97 -22.66
N ASP A 127 33.29 -9.36 -23.79
CA ASP A 127 33.99 -8.14 -24.13
C ASP A 127 33.72 -7.07 -23.08
N SER A 128 34.77 -6.38 -22.67
CA SER A 128 34.66 -5.35 -21.67
C SER A 128 33.89 -4.11 -22.13
N GLN A 129 34.18 -3.61 -23.34
CA GLN A 129 33.49 -2.43 -23.85
C GLN A 129 32.00 -2.68 -24.05
N ALA A 130 31.68 -3.84 -24.59
CA ALA A 130 30.28 -4.19 -24.83
C ALA A 130 29.52 -4.41 -23.51
N ARG A 131 30.15 -5.05 -22.52
CA ARG A 131 29.48 -5.26 -21.24
C ARG A 131 29.01 -3.90 -20.70
N ILE A 132 29.86 -2.89 -20.86
CA ILE A 132 29.55 -1.56 -20.40
C ILE A 132 28.36 -0.99 -21.18
N ALA A 133 28.42 -1.09 -22.51
CA ALA A 133 27.33 -0.57 -23.33
C ALA A 133 26.03 -1.33 -23.07
N THR A 134 26.13 -2.63 -22.86
CA THR A 134 24.93 -3.40 -22.61
C THR A 134 24.35 -3.00 -21.25
N THR A 135 25.20 -2.79 -20.25
CA THR A 135 24.71 -2.40 -18.94
C THR A 135 23.94 -1.07 -19.09
N TYR A 136 24.58 -0.08 -19.72
CA TYR A 136 23.94 1.22 -19.94
C TYR A 136 22.63 1.10 -20.70
N GLY A 137 22.69 0.39 -21.82
CA GLY A 137 21.50 0.21 -22.62
C GLY A 137 20.34 -0.39 -21.82
N ARG A 138 20.62 -1.48 -21.11
CA ARG A 138 19.62 -2.16 -20.31
C ARG A 138 19.11 -1.33 -19.13
N ILE A 139 20.01 -0.63 -18.46
CA ILE A 139 19.59 0.16 -17.31
C ILE A 139 18.81 1.39 -17.75
N ALA A 140 19.20 1.99 -18.87
CA ALA A 140 18.45 3.15 -19.36
C ALA A 140 17.04 2.69 -19.72
N GLU A 141 16.96 1.54 -20.37
CA GLU A 141 15.68 0.95 -20.76
C GLU A 141 14.81 0.78 -19.51
N SER A 142 15.32 0.04 -18.54
CA SER A 142 14.60 -0.18 -17.29
C SER A 142 14.05 1.16 -16.78
N GLN A 143 14.89 2.19 -16.79
CA GLN A 143 14.43 3.50 -16.34
C GLN A 143 13.23 3.97 -17.19
N ALA A 144 13.27 3.70 -18.49
CA ALA A 144 12.17 4.11 -19.36
C ALA A 144 10.90 3.28 -19.15
N ARG A 145 11.01 2.10 -18.55
CA ARG A 145 9.86 1.22 -18.30
C ARG A 145 9.11 1.42 -16.99
N GLN A 146 9.56 2.33 -16.13
CA GLN A 146 8.90 2.53 -14.83
C GLN A 146 7.55 3.24 -14.88
N ILE A 147 6.71 2.83 -15.82
CA ILE A 147 5.37 3.40 -15.99
C ILE A 147 4.38 2.25 -16.21
N LYS A 148 3.09 2.57 -16.07
CA LYS A 148 2.02 1.59 -16.22
C LYS A 148 1.71 1.27 -17.65
N ALA A 149 1.80 2.28 -18.50
CA ALA A 149 1.48 2.12 -19.91
C ALA A 149 2.06 3.29 -20.68
N PRO A 150 1.90 3.31 -22.01
CA PRO A 150 2.42 4.40 -22.85
C PRO A 150 1.90 5.76 -22.43
N LEU A 151 2.80 6.74 -22.33
CA LEU A 151 2.38 8.07 -21.94
C LEU A 151 1.25 8.61 -22.83
N GLU A 152 1.26 8.27 -24.11
CA GLU A 152 0.22 8.74 -25.03
C GLU A 152 -1.21 8.38 -24.60
N LYS A 153 -1.37 7.33 -23.82
CA LYS A 153 -2.70 6.94 -23.34
C LYS A 153 -3.18 7.98 -22.34
N PHE A 154 -2.31 8.29 -21.38
CA PHE A 154 -2.64 9.28 -20.35
C PHE A 154 -2.83 10.67 -20.93
N VAL A 155 -2.05 11.02 -21.96
CA VAL A 155 -2.20 12.33 -22.59
C VAL A 155 -3.49 12.37 -23.39
N LEU A 156 -3.72 11.34 -24.19
CA LEU A 156 -4.92 11.31 -25.00
C LEU A 156 -6.12 11.42 -24.07
N ALA A 157 -6.13 10.63 -23.02
CA ALA A 157 -7.27 10.70 -22.09
C ALA A 157 -7.38 12.14 -21.54
N LEU A 158 -6.26 12.75 -21.16
CA LEU A 158 -6.34 14.11 -20.63
C LEU A 158 -6.95 15.09 -21.68
N LEU A 159 -6.59 14.91 -22.95
CA LEU A 159 -7.15 15.78 -23.99
C LEU A 159 -8.66 15.56 -24.12
N VAL A 160 -9.08 14.32 -24.07
CA VAL A 160 -10.49 14.03 -24.22
C VAL A 160 -11.29 14.59 -23.04
N ALA A 161 -10.80 14.37 -21.83
CA ALA A 161 -11.48 14.85 -20.64
C ALA A 161 -11.57 16.38 -20.59
N GLU A 162 -10.48 17.06 -20.94
CA GLU A 162 -10.42 18.51 -20.91
C GLU A 162 -11.14 19.24 -22.04
N ALA A 163 -11.42 18.53 -23.12
CA ALA A 163 -12.12 19.16 -24.24
C ALA A 163 -13.56 19.49 -23.80
N GLY A 164 -13.93 19.02 -22.60
CA GLY A 164 -15.25 19.26 -22.08
C GLY A 164 -15.36 20.60 -21.40
N GLY A 165 -14.24 21.30 -21.25
CA GLY A 165 -14.27 22.60 -20.61
C GLY A 165 -14.53 22.57 -19.12
N SER A 166 -14.67 23.75 -18.51
CA SER A 166 -14.92 23.84 -17.08
C SER A 166 -16.19 23.11 -16.66
N LEU A 167 -16.15 22.57 -15.46
CA LEU A 167 -17.28 21.84 -14.91
C LEU A 167 -18.08 22.65 -13.90
N TYR A 168 -19.40 22.51 -13.98
CA TYR A 168 -20.33 23.20 -13.11
C TYR A 168 -20.52 22.45 -11.81
N ASP A 169 -20.17 23.07 -10.69
CA ASP A 169 -20.32 22.40 -9.39
C ASP A 169 -21.77 22.46 -8.94
N PRO A 170 -22.43 21.31 -8.78
CA PRO A 170 -23.83 21.24 -8.35
C PRO A 170 -24.11 21.91 -7.00
N VAL A 171 -23.16 21.85 -6.08
CA VAL A 171 -23.37 22.46 -4.77
C VAL A 171 -23.04 23.95 -4.74
N LEU A 172 -21.90 24.32 -5.30
CA LEU A 172 -21.46 25.71 -5.34
C LEU A 172 -22.25 26.52 -6.36
N GLN A 173 -22.83 25.80 -7.31
CA GLN A 173 -23.61 26.41 -8.37
C GLN A 173 -22.83 27.41 -9.23
N LYS A 174 -21.63 27.02 -9.62
CA LYS A 174 -20.78 27.83 -10.49
C LYS A 174 -19.72 26.95 -11.18
N TYR A 175 -19.21 27.43 -12.29
CA TYR A 175 -18.20 26.69 -13.03
C TYR A 175 -16.86 26.88 -12.33
N ASP A 176 -15.96 25.90 -12.43
CA ASP A 176 -14.67 26.05 -11.78
C ASP A 176 -13.87 27.03 -12.62
N GLU A 177 -12.82 27.60 -12.05
CA GLU A 177 -12.02 28.57 -12.80
C GLU A 177 -10.63 28.01 -13.10
N ILE A 178 -10.53 26.69 -13.12
CA ILE A 178 -9.27 26.01 -13.41
C ILE A 178 -8.92 26.26 -14.87
N PRO A 179 -7.74 26.84 -15.13
CA PRO A 179 -7.26 27.16 -16.48
C PRO A 179 -7.29 26.01 -17.49
N ASP A 180 -7.60 26.31 -18.75
CA ASP A 180 -7.65 25.26 -19.74
C ASP A 180 -6.24 24.87 -20.20
N LEU A 181 -6.16 23.80 -20.99
CA LEU A 181 -4.88 23.28 -21.46
C LEU A 181 -3.93 24.25 -22.13
N SER A 182 -4.46 25.34 -22.67
CA SER A 182 -3.60 26.32 -23.35
C SER A 182 -2.67 27.01 -22.35
N HIS A 183 -2.89 26.76 -21.06
CA HIS A 183 -2.09 27.35 -19.98
C HIS A 183 -1.33 26.29 -19.20
N ASN A 184 -1.30 25.06 -19.72
CA ASN A 184 -0.64 23.95 -19.05
C ASN A 184 0.83 23.84 -19.51
N CYS A 185 1.73 24.40 -18.70
CA CYS A 185 3.17 24.39 -19.01
C CYS A 185 3.72 22.97 -19.11
N PRO A 186 3.32 22.08 -18.18
CA PRO A 186 3.89 20.72 -18.35
C PRO A 186 3.59 20.19 -19.77
N LEU A 187 2.34 20.29 -20.22
CA LEU A 187 1.94 19.79 -21.55
C LEU A 187 2.67 20.47 -22.70
N TRP A 188 2.85 21.79 -22.58
CA TRP A 188 3.54 22.56 -23.60
C TRP A 188 4.97 22.02 -23.72
N CYS A 189 5.64 21.80 -22.58
CA CYS A 189 6.99 21.26 -22.58
C CYS A 189 7.03 19.89 -23.23
N PHE A 190 6.09 19.04 -22.86
CA PHE A 190 6.02 17.70 -23.43
C PHE A 190 5.99 17.83 -24.97
N ARG A 191 5.15 18.73 -25.48
CA ARG A 191 5.07 18.89 -26.92
C ARG A 191 6.38 19.39 -27.52
N GLU A 192 6.96 20.45 -26.95
CA GLU A 192 8.21 21.00 -27.48
C GLU A 192 9.39 20.05 -27.40
N ILE A 193 9.56 19.40 -26.25
CA ILE A 193 10.66 18.47 -26.05
C ILE A 193 10.62 17.44 -27.18
N CYS A 194 9.49 16.75 -27.27
CA CYS A 194 9.29 15.71 -28.27
C CYS A 194 9.42 16.22 -29.70
N ARG A 195 8.82 17.37 -29.99
CA ARG A 195 8.90 17.93 -31.33
C ARG A 195 10.38 18.19 -31.67
N HIS A 196 11.11 18.80 -30.74
CA HIS A 196 12.51 19.09 -31.00
C HIS A 196 13.26 17.81 -31.28
N ILE A 197 12.89 16.74 -30.59
CA ILE A 197 13.58 15.47 -30.77
C ILE A 197 13.21 14.78 -32.06
N SER A 198 11.94 14.85 -32.45
CA SER A 198 11.54 14.17 -33.68
C SER A 198 12.01 14.92 -34.93
N GLY A 199 12.08 16.24 -34.83
CA GLY A 199 12.50 17.05 -35.97
C GLY A 199 11.69 16.77 -37.22
N PRO A 200 12.33 16.38 -38.33
CA PRO A 200 11.61 16.09 -39.56
C PRO A 200 10.97 14.71 -39.58
N LEU A 201 11.39 13.83 -38.68
CA LEU A 201 10.84 12.48 -38.65
C LEU A 201 9.32 12.49 -38.47
N PRO A 202 8.61 11.62 -39.22
CA PRO A 202 7.15 11.49 -39.18
C PRO A 202 6.69 10.93 -37.82
N ASP A 203 7.54 10.10 -37.22
CA ASP A 203 7.24 9.54 -35.92
C ASP A 203 7.44 10.63 -34.87
N ARG A 204 6.42 10.86 -34.05
CA ARG A 204 6.47 11.90 -33.02
C ARG A 204 6.90 11.40 -31.64
N ALA A 205 6.69 10.12 -31.37
CA ALA A 205 7.06 9.53 -30.08
C ALA A 205 8.56 9.35 -29.92
N PRO A 206 9.13 9.93 -28.86
CA PRO A 206 10.57 9.83 -28.56
C PRO A 206 11.01 8.42 -28.20
N TYR A 207 10.09 7.60 -27.72
CA TYR A 207 10.38 6.20 -27.38
C TYR A 207 9.06 5.45 -27.33
N LEU A 208 9.10 4.15 -27.52
CA LEU A 208 7.87 3.35 -27.50
C LEU A 208 7.94 2.42 -26.30
N TYR A 209 6.92 2.48 -25.45
CA TYR A 209 6.85 1.62 -24.27
C TYR A 209 6.27 0.26 -24.68
N LEU A 210 7.06 -0.79 -24.49
CA LEU A 210 6.63 -2.14 -24.86
C LEU A 210 6.45 -2.99 -23.63
N SER A 211 5.73 -4.10 -23.82
CA SER A 211 5.42 -5.06 -22.77
C SER A 211 6.59 -5.46 -21.89
N ALA A 212 7.80 -5.45 -22.44
CA ALA A 212 8.97 -5.84 -21.65
C ALA A 212 10.18 -4.96 -21.94
N GLY A 213 10.08 -4.14 -22.96
CA GLY A 213 11.20 -3.30 -23.32
C GLY A 213 10.81 -1.95 -23.88
N VAL A 214 11.77 -1.34 -24.56
CA VAL A 214 11.59 -0.03 -25.14
C VAL A 214 12.37 0.12 -26.43
N PHE A 215 11.91 1.02 -27.29
CA PHE A 215 12.58 1.31 -28.54
C PHE A 215 12.72 2.80 -28.50
N TRP A 216 13.87 3.31 -28.94
CA TRP A 216 14.05 4.75 -28.92
C TRP A 216 13.94 5.32 -30.35
N LEU A 217 13.43 6.54 -30.46
CA LEU A 217 13.34 7.19 -31.74
C LEU A 217 14.81 7.41 -32.12
N MET A 218 15.18 6.99 -33.32
CA MET A 218 16.55 7.10 -33.79
C MET A 218 17.00 8.54 -34.02
N SER A 219 16.89 9.38 -33.00
CA SER A 219 17.27 10.78 -33.12
C SER A 219 18.52 11.05 -32.29
N PRO A 220 19.48 11.80 -32.86
CA PRO A 220 20.73 12.14 -32.16
C PRO A 220 20.46 13.11 -31.02
N ARG A 221 19.24 13.62 -30.99
CA ARG A 221 18.82 14.57 -29.97
C ARG A 221 18.15 13.86 -28.80
N MET A 222 17.93 12.56 -28.95
CA MET A 222 17.32 11.76 -27.90
C MET A 222 18.36 11.46 -26.81
N THR A 223 17.88 11.30 -25.59
CA THR A 223 18.73 11.03 -24.44
C THR A 223 18.09 10.01 -23.53
N SER A 224 18.89 9.38 -22.67
CA SER A 224 18.35 8.38 -21.74
C SER A 224 17.52 9.08 -20.69
N ALA A 225 17.69 10.38 -20.56
CA ALA A 225 16.93 11.13 -19.56
C ALA A 225 15.53 11.55 -20.03
N ILE A 226 15.27 11.50 -21.33
CA ILE A 226 13.98 11.93 -21.84
C ILE A 226 12.73 11.20 -21.30
N PRO A 227 12.76 9.86 -21.23
CA PRO A 227 11.57 9.17 -20.71
C PRO A 227 11.18 9.63 -19.29
N PRO A 228 12.13 9.64 -18.34
CA PRO A 228 11.75 10.09 -16.99
C PRO A 228 11.18 11.51 -17.02
N LEU A 229 11.87 12.41 -17.71
CA LEU A 229 11.43 13.80 -17.83
C LEU A 229 10.00 13.88 -18.32
N LEU A 230 9.74 13.20 -19.44
CA LEU A 230 8.40 13.18 -20.03
C LEU A 230 7.37 12.62 -19.07
N SER A 231 7.75 11.59 -18.32
CA SER A 231 6.82 10.97 -17.39
C SER A 231 6.44 11.94 -16.28
N ASP A 232 7.38 12.78 -15.85
CA ASP A 232 7.08 13.74 -14.78
C ASP A 232 6.13 14.80 -15.33
N LEU A 233 6.40 15.25 -16.56
CA LEU A 233 5.59 16.28 -17.20
C LEU A 233 4.14 15.86 -17.37
N VAL A 234 3.91 14.62 -17.76
CA VAL A 234 2.54 14.15 -17.92
C VAL A 234 1.81 14.18 -16.58
N ASN A 235 2.45 13.68 -15.52
CA ASN A 235 1.80 13.69 -14.21
C ASN A 235 1.44 15.10 -13.81
N LEU A 236 2.38 16.03 -14.01
CA LEU A 236 2.13 17.41 -13.64
C LEU A 236 1.01 17.97 -14.47
N ALA A 237 1.00 17.67 -15.78
CA ALA A 237 -0.03 18.16 -16.67
C ALA A 237 -1.43 17.78 -16.19
N ILE A 238 -1.59 16.50 -15.85
CA ILE A 238 -2.85 15.93 -15.34
C ILE A 238 -3.23 16.51 -13.97
N LEU A 239 -2.25 16.58 -13.05
CA LEU A 239 -2.52 17.11 -11.71
C LEU A 239 -2.94 18.58 -11.73
N GLN A 240 -2.36 19.37 -12.64
CA GLN A 240 -2.73 20.77 -12.72
C GLN A 240 -4.19 20.88 -13.14
N GLN A 241 -4.64 19.97 -13.98
CA GLN A 241 -6.03 20.03 -14.41
C GLN A 241 -6.94 19.34 -13.42
N THR A 242 -6.42 18.35 -12.69
CA THR A 242 -7.23 17.60 -11.75
C THR A 242 -7.10 17.89 -10.27
N ALA A 243 -6.04 18.58 -9.88
CA ALA A 243 -5.92 18.91 -8.46
C ALA A 243 -6.01 20.42 -8.37
N GLY A 244 -6.22 21.04 -9.54
CA GLY A 244 -6.33 22.48 -9.63
C GLY A 244 -5.09 23.15 -9.07
N LEU A 245 -3.94 22.49 -9.21
CA LEU A 245 -2.68 23.03 -8.71
C LEU A 245 -2.43 24.41 -9.25
N ASP A 246 -1.84 25.26 -8.41
CA ASP A 246 -1.51 26.61 -8.83
C ASP A 246 -0.56 26.49 -10.03
N PRO A 247 -0.98 26.99 -11.21
CA PRO A 247 -0.12 26.90 -12.40
C PRO A 247 1.28 27.46 -12.19
N SER A 248 1.40 28.50 -11.37
CA SER A 248 2.71 29.11 -11.14
C SER A 248 3.64 28.23 -10.33
N LEU A 249 3.09 27.45 -9.40
CA LEU A 249 3.94 26.55 -8.62
C LEU A 249 4.35 25.42 -9.55
N VAL A 250 3.40 24.93 -10.33
CA VAL A 250 3.68 23.87 -11.27
C VAL A 250 4.89 24.21 -12.14
N LYS A 251 4.92 25.39 -12.76
CA LYS A 251 6.07 25.77 -13.60
C LYS A 251 7.40 25.62 -12.87
N LEU A 252 7.40 25.79 -11.55
CA LEU A 252 8.64 25.62 -10.80
C LEU A 252 9.06 24.15 -10.89
N GLY A 253 8.11 23.26 -10.63
CA GLY A 253 8.40 21.84 -10.69
C GLY A 253 8.91 21.45 -12.06
N VAL A 254 8.39 22.05 -13.12
CA VAL A 254 8.87 21.71 -14.46
C VAL A 254 10.33 22.13 -14.58
N GLN A 255 10.65 23.32 -14.06
CA GLN A 255 12.04 23.80 -14.09
C GLN A 255 12.96 22.79 -13.46
N ILE A 256 12.62 22.36 -12.24
CA ILE A 256 13.46 21.41 -11.55
C ILE A 256 13.71 20.17 -12.41
N CYS A 257 12.66 19.70 -13.09
CA CYS A 257 12.80 18.52 -13.93
C CYS A 257 13.71 18.82 -15.13
N LEU A 258 13.49 19.98 -15.76
CA LEU A 258 14.32 20.37 -16.89
C LEU A 258 15.80 20.40 -16.43
N HIS A 259 16.03 20.91 -15.23
CA HIS A 259 17.38 20.95 -14.69
C HIS A 259 17.92 19.53 -14.46
N ALA A 260 17.04 18.61 -14.08
CA ALA A 260 17.45 17.23 -13.86
C ALA A 260 17.88 16.59 -15.19
N ALA A 261 17.16 16.92 -16.26
CA ALA A 261 17.47 16.39 -17.59
C ALA A 261 18.74 17.05 -18.13
N ALA A 262 18.95 18.30 -17.74
CA ALA A 262 20.12 19.07 -18.17
C ALA A 262 21.39 18.60 -17.46
N SER A 263 21.22 17.95 -16.32
CA SER A 263 22.36 17.48 -15.53
C SER A 263 22.97 16.23 -16.12
N SER A 264 23.89 15.61 -15.38
CA SER A 264 24.54 14.40 -15.86
C SER A 264 23.80 13.14 -15.44
N SER A 265 22.76 13.30 -14.63
CA SER A 265 21.98 12.15 -14.16
C SER A 265 20.67 12.58 -13.53
N TYR A 266 19.60 12.46 -14.31
CA TYR A 266 18.25 12.83 -13.90
C TYR A 266 17.85 12.28 -12.54
N SER A 267 17.94 10.97 -12.44
CA SER A 267 17.58 10.28 -11.22
C SER A 267 18.39 10.77 -10.01
N TRP A 268 19.69 10.93 -10.20
CA TRP A 268 20.59 11.41 -9.14
C TRP A 268 20.21 12.84 -8.70
N PHE A 269 19.99 13.71 -9.69
CA PHE A 269 19.62 15.10 -9.46
C PHE A 269 18.33 15.22 -8.64
N ILE A 270 17.34 14.41 -8.99
CA ILE A 270 16.05 14.41 -8.30
C ILE A 270 16.24 13.96 -6.87
N LEU A 271 17.08 12.94 -6.68
CA LEU A 271 17.37 12.42 -5.35
C LEU A 271 17.98 13.52 -4.46
N LYS A 272 18.88 14.31 -5.03
CA LYS A 272 19.55 15.36 -4.27
C LYS A 272 18.71 16.59 -4.00
N THR A 273 17.74 16.87 -4.87
CA THR A 273 16.92 18.06 -4.68
C THR A 273 15.47 17.81 -4.29
N LYS A 274 15.10 16.56 -4.03
CA LYS A 274 13.72 16.19 -3.67
C LYS A 274 13.14 16.94 -2.47
N SER A 275 13.99 17.53 -1.65
CA SER A 275 13.48 18.24 -0.48
C SER A 275 13.06 19.70 -0.75
N ILE A 276 13.46 20.25 -1.90
CA ILE A 276 13.13 21.63 -2.24
C ILE A 276 11.74 22.14 -1.84
N PHE A 277 10.71 21.56 -2.43
CA PHE A 277 9.34 22.00 -2.16
C PHE A 277 8.85 21.86 -0.71
N PRO A 278 9.11 20.72 -0.06
CA PRO A 278 8.65 20.58 1.33
C PRO A 278 9.38 21.51 2.30
N GLN A 279 10.70 21.53 2.17
CA GLN A 279 11.53 22.34 3.03
C GLN A 279 11.15 23.82 2.94
N ASN A 280 10.96 24.31 1.73
CA ASN A 280 10.64 25.71 1.56
C ASN A 280 9.17 26.11 1.68
N THR A 281 8.31 25.13 1.98
CA THR A 281 6.88 25.40 2.18
C THR A 281 6.47 24.78 3.52
N LEU A 282 6.10 23.49 3.49
CA LEU A 282 5.67 22.76 4.69
C LEU A 282 6.53 23.04 5.93
N HIS A 283 7.85 22.88 5.79
CA HIS A 283 8.78 23.09 6.90
C HIS A 283 9.15 24.54 7.25
N SER A 284 8.48 25.54 6.66
CA SER A 284 8.82 26.93 6.94
C SER A 284 7.58 27.78 7.14
N MET A 285 6.44 27.12 7.30
CA MET A 285 5.19 27.83 7.45
C MET A 285 5.01 28.52 8.79
N TYR A 286 4.22 29.60 8.75
CA TYR A 286 3.88 30.37 9.92
C TYR A 286 5.01 30.95 10.75
N GLU A 287 5.95 31.60 10.08
CA GLU A 287 7.03 32.25 10.80
C GLU A 287 6.29 33.35 11.60
N SER A 288 5.17 33.79 11.04
CA SER A 288 4.31 34.77 11.68
C SER A 288 2.90 34.21 11.66
N LEU A 289 2.40 33.80 12.82
CA LEU A 289 1.06 33.26 12.87
C LEU A 289 0.20 34.37 13.46
N GLU A 290 -0.81 34.76 12.71
CA GLU A 290 -1.67 35.86 13.09
C GLU A 290 -3.12 35.44 13.27
N GLY A 291 -3.43 34.17 13.00
CA GLY A 291 -4.79 33.69 13.14
C GLY A 291 -5.13 32.36 12.47
N GLY A 292 -6.40 31.98 12.55
CA GLY A 292 -6.86 30.73 11.98
C GLY A 292 -7.24 29.73 13.09
N TYR A 293 -7.64 28.52 12.70
CA TYR A 293 -8.06 27.50 13.66
C TYR A 293 -7.42 26.13 13.43
N CYS A 294 -7.31 25.33 14.48
CA CYS A 294 -6.75 24.00 14.35
C CYS A 294 -7.56 23.08 15.26
N PRO A 295 -7.57 21.77 14.97
CA PRO A 295 -8.33 20.81 15.77
C PRO A 295 -7.89 20.77 17.23
N ASN A 296 -8.82 20.39 18.10
CA ASN A 296 -8.54 20.23 19.50
C ASN A 296 -9.03 18.83 19.82
N LEU A 297 -8.09 17.88 19.79
CA LEU A 297 -8.41 16.49 20.05
C LEU A 297 -7.95 16.02 21.43
N GLU A 298 -8.67 15.05 21.96
CA GLU A 298 -8.32 14.43 23.22
C GLU A 298 -7.91 13.00 22.87
N TRP A 299 -6.75 12.57 23.35
CA TRP A 299 -6.27 11.22 23.08
C TRP A 299 -6.83 10.35 24.20
N LEU A 300 -7.74 9.43 23.85
CA LEU A 300 -8.37 8.55 24.82
C LEU A 300 -7.42 7.52 25.42
N GLU A 301 -7.82 6.95 26.56
CA GLU A 301 -7.02 5.92 27.23
C GLU A 301 -7.68 4.58 26.92
N PRO A 302 -6.89 3.53 26.69
CA PRO A 302 -5.43 3.45 26.67
C PRO A 302 -4.90 4.12 25.41
N ARG A 303 -3.86 4.95 25.53
CA ARG A 303 -3.31 5.61 24.37
C ARG A 303 -3.02 4.63 23.23
N SER A 304 -2.71 3.38 23.57
CA SER A 304 -2.41 2.35 22.58
C SER A 304 -3.57 1.95 21.68
N ASP A 305 -4.78 2.43 21.99
CA ASP A 305 -5.94 2.12 21.17
C ASP A 305 -6.01 3.10 19.99
N TYR A 306 -5.25 4.19 20.08
CA TYR A 306 -5.20 5.21 19.04
C TYR A 306 -6.58 5.74 18.72
N LYS A 307 -7.38 5.93 19.77
CA LYS A 307 -8.73 6.42 19.63
C LYS A 307 -8.76 7.84 20.16
N PHE A 308 -9.21 8.76 19.31
CA PHE A 308 -9.27 10.18 19.64
C PHE A 308 -10.69 10.71 19.57
N MET A 309 -10.94 11.81 20.27
CA MET A 309 -12.25 12.44 20.24
C MET A 309 -12.06 13.92 19.97
N TYR A 310 -12.83 14.42 19.00
CA TYR A 310 -12.78 15.80 18.58
C TYR A 310 -13.54 16.66 19.57
N MET A 311 -12.85 17.65 20.14
CA MET A 311 -13.49 18.52 21.11
C MET A 311 -13.76 19.96 20.66
N GLY A 312 -13.44 20.27 19.40
CA GLY A 312 -13.66 21.62 18.91
C GLY A 312 -12.44 22.21 18.23
N VAL A 313 -12.42 23.53 18.10
CA VAL A 313 -11.30 24.21 17.45
C VAL A 313 -10.45 24.99 18.45
N MET A 314 -9.19 25.19 18.08
CA MET A 314 -8.21 25.92 18.89
C MET A 314 -7.81 27.19 18.13
N PRO A 315 -8.24 28.35 18.62
CA PRO A 315 -7.94 29.65 17.99
C PRO A 315 -6.45 29.87 17.94
N LEU A 316 -5.93 30.21 16.77
CA LEU A 316 -4.49 30.41 16.65
C LEU A 316 -4.10 31.88 16.83
N SER A 317 -2.85 32.09 17.26
CA SER A 317 -2.34 33.44 17.45
C SER A 317 -0.82 33.38 17.44
N ALA A 318 -0.17 34.53 17.54
CA ALA A 318 1.29 34.61 17.53
C ALA A 318 1.90 33.61 18.51
N LYS A 319 1.14 33.30 19.57
CA LYS A 319 1.54 32.36 20.61
C LYS A 319 2.05 31.03 20.01
N TYR A 320 1.43 30.59 18.91
CA TYR A 320 1.79 29.32 18.27
C TYR A 320 2.60 29.43 16.97
N ALA A 321 3.12 30.60 16.66
CA ALA A 321 3.92 30.77 15.46
C ALA A 321 5.09 29.78 15.48
N ARG A 322 5.61 29.44 14.30
CA ARG A 322 6.73 28.50 14.20
C ARG A 322 7.80 28.85 15.21
N SER A 323 8.21 27.86 16.02
CA SER A 323 9.24 28.09 17.02
C SER A 323 10.42 27.14 16.81
N ALA A 324 10.26 26.20 15.90
CA ALA A 324 11.32 25.24 15.61
C ALA A 324 12.49 25.93 14.94
N PRO A 325 13.67 25.30 14.95
CA PRO A 325 14.86 25.88 14.32
C PRO A 325 14.61 26.31 12.87
N SER A 326 15.19 27.45 12.50
CA SER A 326 15.06 27.99 11.16
C SER A 326 15.88 27.10 10.21
N ASN A 327 15.49 27.04 8.95
CA ASN A 327 16.23 26.21 8.00
C ASN A 327 16.64 26.99 6.75
N ASP A 328 16.39 28.30 6.78
CA ASP A 328 16.71 29.23 5.69
C ASP A 328 18.12 29.03 5.11
N LYS A 329 19.11 28.96 6.00
CA LYS A 329 20.49 28.81 5.56
C LYS A 329 20.69 27.49 4.79
N LYS A 330 20.40 26.37 5.44
CA LYS A 330 20.54 25.06 4.79
C LYS A 330 19.75 25.02 3.48
N ALA A 331 18.49 25.42 3.55
CA ALA A 331 17.63 25.43 2.38
C ALA A 331 18.23 26.20 1.21
N ARG A 332 18.69 27.42 1.48
CA ARG A 332 19.31 28.22 0.42
C ARG A 332 20.62 27.63 -0.06
N GLU A 333 21.35 26.99 0.82
CA GLU A 333 22.61 26.38 0.40
C GLU A 333 22.30 25.26 -0.57
N LEU A 334 21.27 24.47 -0.28
CA LEU A 334 20.89 23.37 -1.17
C LEU A 334 20.58 23.87 -2.58
N GLY A 335 19.78 24.93 -2.66
CA GLY A 335 19.44 25.49 -3.95
C GLY A 335 20.64 25.95 -4.76
N GLU A 336 21.48 26.81 -4.14
CA GLU A 336 22.70 27.33 -4.79
C GLU A 336 23.54 26.19 -5.34
N LYS A 337 23.71 25.15 -4.53
CA LYS A 337 24.50 23.99 -4.89
C LYS A 337 24.01 23.22 -6.12
N TYR A 338 22.70 23.26 -6.39
CA TYR A 338 22.16 22.54 -7.55
C TYR A 338 21.53 23.44 -8.60
N GLY A 339 22.01 24.67 -8.67
CA GLY A 339 21.50 25.62 -9.64
C GLY A 339 20.01 25.93 -9.54
N LEU A 340 19.45 25.89 -8.34
CA LEU A 340 18.02 26.16 -8.17
C LEU A 340 17.67 27.27 -7.16
N SER A 341 18.63 28.13 -6.85
CA SER A 341 18.39 29.20 -5.87
C SER A 341 17.19 30.10 -6.18
N SER A 342 16.92 30.33 -7.46
CA SER A 342 15.78 31.18 -7.85
C SER A 342 14.47 30.52 -7.40
N VAL A 343 14.43 29.20 -7.52
CA VAL A 343 13.27 28.42 -7.13
C VAL A 343 13.13 28.44 -5.61
N VAL A 344 14.22 28.18 -4.91
CA VAL A 344 14.17 28.21 -3.46
C VAL A 344 13.76 29.62 -3.00
N GLY A 345 14.43 30.64 -3.55
CA GLY A 345 14.14 32.02 -3.19
C GLY A 345 12.68 32.39 -3.37
N GLU A 346 12.12 32.04 -4.53
CA GLU A 346 10.72 32.32 -4.83
C GLU A 346 9.80 31.60 -3.84
N LEU A 347 10.07 30.33 -3.59
CA LEU A 347 9.26 29.55 -2.67
C LEU A 347 9.29 30.13 -1.25
N ARG A 348 10.47 30.55 -0.79
CA ARG A 348 10.60 31.12 0.56
C ARG A 348 9.80 32.40 0.67
N LYS A 349 9.90 33.23 -0.36
CA LYS A 349 9.17 34.48 -0.41
C LYS A 349 7.66 34.23 -0.39
N ARG A 350 7.18 33.31 -1.21
CA ARG A 350 5.76 33.05 -1.19
C ARG A 350 5.31 32.52 0.18
N THR A 351 6.08 31.61 0.76
CA THR A 351 5.72 31.05 2.05
C THR A 351 5.53 32.07 3.16
N LYS A 352 6.34 33.12 3.18
CA LYS A 352 6.21 34.14 4.22
C LYS A 352 4.91 34.93 4.15
N THR A 353 4.25 34.93 2.98
CA THR A 353 3.00 35.66 2.84
C THR A 353 1.81 35.04 3.56
N TYR A 354 1.87 33.75 3.85
CA TYR A 354 0.75 33.10 4.57
C TYR A 354 0.96 33.34 6.05
N VAL A 355 0.10 34.20 6.59
CA VAL A 355 0.19 34.60 7.98
C VAL A 355 -0.93 33.99 8.79
N LYS A 356 -1.82 33.28 8.11
CA LYS A 356 -2.92 32.60 8.79
C LYS A 356 -2.88 31.15 8.35
N HIS A 357 -3.31 30.26 9.23
CA HIS A 357 -3.38 28.85 8.91
C HIS A 357 -4.83 28.60 8.52
N ASP A 358 -5.06 28.33 7.24
CA ASP A 358 -6.41 28.07 6.74
C ASP A 358 -6.37 27.22 5.46
N PHE A 359 -7.54 26.96 4.89
CA PHE A 359 -7.63 26.14 3.67
C PHE A 359 -6.63 26.62 2.63
N ALA A 360 -6.66 27.91 2.35
CA ALA A 360 -5.75 28.52 1.39
C ALA A 360 -4.28 28.15 1.62
N SER A 361 -3.81 28.26 2.85
CA SER A 361 -2.40 27.96 3.13
C SER A 361 -2.01 26.48 3.02
N VAL A 362 -2.83 25.58 3.55
CA VAL A 362 -2.49 24.17 3.47
C VAL A 362 -2.59 23.70 2.03
N ARG A 363 -3.52 24.29 1.27
CA ARG A 363 -3.68 23.96 -0.14
C ARG A 363 -2.42 24.41 -0.89
N TYR A 364 -1.85 25.52 -0.43
CA TYR A 364 -0.64 26.06 -1.02
C TYR A 364 0.50 25.05 -0.87
N ILE A 365 0.64 24.53 0.35
CA ILE A 365 1.67 23.53 0.67
C ILE A 365 1.45 22.30 -0.21
N ARG A 366 0.21 21.83 -0.23
CA ARG A 366 -0.13 20.64 -1.00
C ARG A 366 0.26 20.83 -2.45
N ASP A 367 -0.16 21.96 -3.00
CA ASP A 367 0.15 22.25 -4.40
C ASP A 367 1.63 22.22 -4.65
N ALA A 368 2.39 22.81 -3.73
CA ALA A 368 3.84 22.88 -3.86
C ALA A 368 4.42 21.48 -3.80
N MET A 369 3.90 20.66 -2.88
CA MET A 369 4.43 19.32 -2.72
C MET A 369 4.04 18.36 -3.81
N ALA A 370 3.16 18.80 -4.69
CA ALA A 370 2.71 17.94 -5.79
C ALA A 370 3.64 18.09 -6.98
N CYS A 371 4.49 19.10 -6.91
CA CYS A 371 5.38 19.39 -8.02
C CYS A 371 6.70 18.62 -8.06
N THR A 372 6.99 17.88 -6.99
CA THR A 372 8.21 17.09 -6.88
C THR A 372 8.16 15.92 -7.88
N SER A 373 9.32 15.58 -8.46
CA SER A 373 9.36 14.48 -9.41
C SER A 373 8.80 13.22 -8.78
N GLY A 374 8.05 12.46 -9.56
CA GLY A 374 7.46 11.24 -9.03
C GLY A 374 8.05 10.00 -9.66
N ILE A 375 9.27 10.10 -10.19
CA ILE A 375 9.86 8.93 -10.82
C ILE A 375 10.34 7.91 -9.81
N PHE A 376 10.35 6.64 -10.24
CA PHE A 376 10.83 5.57 -9.40
C PHE A 376 12.30 5.50 -9.77
N LEU A 377 13.18 5.92 -8.88
CA LEU A 377 14.61 5.93 -9.17
C LEU A 377 15.13 4.55 -9.56
N VAL A 378 15.96 4.50 -10.60
CA VAL A 378 16.50 3.22 -11.06
C VAL A 378 18.00 3.20 -11.15
N ARG A 379 18.58 2.08 -10.72
CA ARG A 379 20.02 1.83 -10.80
C ARG A 379 20.19 0.32 -10.82
N THR A 380 21.35 -0.16 -11.24
CA THR A 380 21.56 -1.59 -11.32
C THR A 380 21.61 -2.23 -9.93
N PRO A 381 21.23 -3.52 -9.80
CA PRO A 381 21.27 -4.18 -8.50
C PRO A 381 22.68 -4.13 -7.94
N THR A 382 23.67 -4.32 -8.79
CA THR A 382 25.06 -4.25 -8.35
C THR A 382 25.31 -2.98 -7.54
N GLU A 383 24.85 -1.85 -8.06
CA GLU A 383 25.04 -0.58 -7.39
C GLU A 383 24.31 -0.52 -6.06
N THR A 384 23.07 -0.98 -6.02
CA THR A 384 22.32 -0.97 -4.77
C THR A 384 23.00 -1.87 -3.74
N VAL A 385 23.41 -3.06 -4.17
CA VAL A 385 24.07 -3.98 -3.23
C VAL A 385 25.33 -3.36 -2.64
N LEU A 386 26.17 -2.80 -3.50
CA LEU A 386 27.41 -2.21 -3.03
C LEU A 386 27.26 -0.94 -2.20
N GLN A 387 26.11 -0.28 -2.25
CA GLN A 387 25.94 0.93 -1.46
C GLN A 387 25.20 0.69 -0.15
N GLU A 388 24.24 -0.24 -0.14
CA GLU A 388 23.45 -0.50 1.07
C GLU A 388 23.96 -1.66 1.96
N TYR A 389 25.06 -2.30 1.58
CA TYR A 389 25.59 -3.41 2.37
C TYR A 389 27.10 -3.33 2.55
N THR A 390 27.65 -2.14 2.42
CA THR A 390 29.10 -2.02 2.52
C THR A 390 29.66 -1.50 3.84
N GLN A 391 28.89 -0.70 4.54
CA GLN A 391 29.39 -0.13 5.78
C GLN A 391 28.70 -0.65 7.03
N SER A 392 29.47 -0.73 8.11
CA SER A 392 28.97 -1.19 9.39
C SER A 392 28.75 0.02 10.28
N PRO A 393 28.02 -0.14 11.39
CA PRO A 393 27.80 1.00 12.27
C PRO A 393 29.05 1.24 13.12
N GLU A 394 29.24 2.47 13.59
CA GLU A 394 30.39 2.73 14.43
C GLU A 394 29.94 2.71 15.89
N ILE A 395 30.30 1.64 16.60
CA ILE A 395 29.94 1.52 18.01
C ILE A 395 30.96 2.36 18.78
N LYS A 396 30.59 3.59 19.12
CA LYS A 396 31.53 4.44 19.82
C LYS A 396 31.91 4.00 21.22
N VAL A 397 31.06 3.17 21.85
CA VAL A 397 31.35 2.64 23.19
C VAL A 397 30.98 1.16 23.18
N PRO A 398 31.87 0.31 22.64
CA PRO A 398 31.64 -1.14 22.57
C PRO A 398 31.37 -1.79 23.91
N ILE A 399 30.85 -3.01 23.86
CA ILE A 399 30.59 -3.73 25.09
C ILE A 399 31.91 -4.37 25.46
N PRO A 400 32.44 -4.05 26.65
CA PRO A 400 33.71 -4.62 27.11
C PRO A 400 33.71 -6.12 26.92
N GLN A 401 34.81 -6.65 26.37
CA GLN A 401 34.97 -8.07 26.14
C GLN A 401 34.83 -8.84 27.48
N LYS A 402 35.34 -8.26 28.56
CA LYS A 402 35.28 -8.90 29.88
C LYS A 402 33.88 -8.97 30.46
N ASP A 403 32.91 -8.29 29.83
CA ASP A 403 31.56 -8.32 30.34
C ASP A 403 30.71 -9.53 29.88
N TRP A 404 31.32 -10.41 29.08
CA TRP A 404 30.63 -11.60 28.61
C TRP A 404 31.13 -12.83 29.38
N THR A 405 30.27 -13.84 29.52
CA THR A 405 30.67 -15.06 30.22
C THR A 405 31.28 -15.98 29.17
N GLY A 406 31.58 -17.21 29.59
CA GLY A 406 32.11 -18.18 28.65
C GLY A 406 30.92 -18.54 27.79
N PRO A 407 31.12 -19.22 26.65
CA PRO A 407 30.01 -19.57 25.78
C PRO A 407 29.09 -20.68 26.29
N ILE A 408 27.84 -20.62 25.85
CA ILE A 408 26.83 -21.60 26.15
C ILE A 408 26.37 -21.89 24.73
N GLY A 409 27.15 -22.71 24.04
CA GLY A 409 26.84 -23.01 22.66
C GLY A 409 27.37 -21.88 21.80
N GLU A 410 26.47 -21.23 21.08
CA GLU A 410 26.84 -20.14 20.19
C GLU A 410 26.79 -18.78 20.87
N ILE A 411 26.14 -18.70 22.02
CA ILE A 411 25.99 -17.43 22.70
C ILE A 411 26.77 -17.26 24.00
N ARG A 412 26.83 -16.02 24.46
CA ARG A 412 27.49 -15.64 25.70
C ARG A 412 26.52 -14.76 26.50
N ILE A 413 26.48 -14.96 27.80
CA ILE A 413 25.60 -14.16 28.64
C ILE A 413 26.29 -12.86 29.01
N LEU A 414 25.53 -11.77 29.01
CA LEU A 414 26.04 -10.46 29.35
C LEU A 414 25.91 -10.35 30.87
N LYS A 415 27.04 -10.27 31.55
CA LYS A 415 27.05 -10.19 33.01
C LYS A 415 26.25 -8.98 33.47
N ASP A 416 25.56 -9.13 34.60
CA ASP A 416 24.76 -8.05 35.14
C ASP A 416 25.64 -6.92 35.68
N THR A 417 26.88 -7.26 36.05
CA THR A 417 27.81 -6.27 36.58
C THR A 417 28.25 -5.27 35.52
N THR A 418 27.93 -5.56 34.26
CA THR A 418 28.34 -4.69 33.17
C THR A 418 27.89 -3.26 33.33
N SER A 419 28.72 -2.36 32.83
CA SER A 419 28.44 -0.94 32.93
C SER A 419 27.84 -0.42 31.63
N SER A 420 27.98 -1.21 30.57
CA SER A 420 27.48 -0.84 29.25
C SER A 420 25.99 -0.56 29.19
N ILE A 421 25.58 0.20 28.17
CA ILE A 421 24.18 0.51 27.97
C ILE A 421 23.46 -0.78 27.60
N ALA A 422 24.21 -1.75 27.09
CA ALA A 422 23.63 -3.04 26.68
C ALA A 422 22.82 -3.66 27.82
N ARG A 423 23.27 -3.41 29.04
CA ARG A 423 22.61 -3.91 30.23
C ARG A 423 21.08 -3.77 30.10
N TYR A 424 20.63 -2.58 29.70
CA TYR A 424 19.21 -2.29 29.55
C TYR A 424 18.55 -2.99 28.36
N LEU A 425 19.27 -3.07 27.24
CA LEU A 425 18.74 -3.72 26.05
C LEU A 425 18.55 -5.20 26.39
N TYR A 426 19.38 -5.68 27.31
CA TYR A 426 19.32 -7.06 27.73
C TYR A 426 18.10 -7.31 28.61
N ARG A 427 18.03 -6.60 29.74
CA ARG A 427 16.91 -6.74 30.69
C ARG A 427 15.54 -6.76 30.01
N THR A 428 15.33 -5.83 29.09
CA THR A 428 14.08 -5.70 28.37
C THR A 428 13.74 -6.91 27.52
N TRP A 429 14.69 -7.39 26.73
CA TRP A 429 14.43 -8.56 25.88
C TRP A 429 14.31 -9.83 26.72
N TYR A 430 15.07 -9.89 27.81
CA TYR A 430 15.03 -11.03 28.72
C TYR A 430 13.65 -11.12 29.33
N LEU A 431 13.21 -9.99 29.88
CA LEU A 431 11.91 -9.90 30.52
C LEU A 431 10.82 -10.36 29.55
N ALA A 432 10.78 -9.72 28.39
CA ALA A 432 9.79 -10.05 27.37
C ALA A 432 9.82 -11.53 26.99
N ALA A 433 11.00 -12.08 26.75
CA ALA A 433 11.12 -13.49 26.39
C ALA A 433 10.43 -14.35 27.44
N ALA A 434 10.78 -14.12 28.70
CA ALA A 434 10.19 -14.86 29.81
C ALA A 434 8.67 -14.79 29.86
N ARG A 435 8.09 -13.61 29.63
CA ARG A 435 6.64 -13.48 29.68
C ARG A 435 6.01 -14.09 28.46
N MET A 436 6.69 -13.95 27.33
CA MET A 436 6.20 -14.50 26.09
C MET A 436 6.14 -16.02 26.26
N ALA A 437 7.28 -16.61 26.64
CA ALA A 437 7.37 -18.05 26.84
C ALA A 437 6.47 -18.60 27.95
N ALA A 438 6.12 -17.77 28.92
CA ALA A 438 5.27 -18.24 30.01
C ALA A 438 3.79 -18.30 29.64
N GLN A 439 3.43 -17.74 28.49
CA GLN A 439 2.04 -17.75 28.08
C GLN A 439 1.66 -19.15 27.66
N PRO A 440 0.57 -19.68 28.22
CA PRO A 440 0.11 -21.03 27.90
C PRO A 440 -0.10 -21.19 26.39
N ARG A 441 -0.62 -20.16 25.75
CA ARG A 441 -0.86 -20.17 24.31
C ARG A 441 0.38 -20.49 23.48
N THR A 442 1.53 -19.98 23.90
CA THR A 442 2.76 -20.24 23.19
C THR A 442 2.96 -21.73 22.96
N TRP A 443 2.48 -22.56 23.88
CA TRP A 443 2.62 -24.00 23.78
C TRP A 443 1.41 -24.73 23.20
N ASP A 444 0.48 -23.96 22.63
CA ASP A 444 -0.70 -24.54 22.00
C ASP A 444 -0.34 -24.90 20.55
N PRO A 445 -0.59 -26.16 20.14
CA PRO A 445 -0.29 -26.63 18.79
C PRO A 445 -0.81 -25.71 17.68
N LEU A 446 -2.01 -25.16 17.87
CA LEU A 446 -2.60 -24.27 16.87
C LEU A 446 -1.74 -23.04 16.69
N PHE A 447 -1.33 -22.46 17.81
CA PHE A 447 -0.50 -21.28 17.78
C PHE A 447 0.79 -21.55 17.02
N GLN A 448 1.35 -22.74 17.22
CA GLN A 448 2.59 -23.11 16.56
C GLN A 448 2.38 -23.43 15.09
N ALA A 449 1.19 -23.87 14.73
CA ALA A 449 0.91 -24.15 13.32
C ALA A 449 0.87 -22.76 12.67
N ILE A 450 0.28 -21.80 13.38
CA ILE A 450 0.15 -20.45 12.86
C ILE A 450 1.53 -19.83 12.60
N MET A 451 2.44 -20.00 13.55
CA MET A 451 3.79 -19.48 13.42
C MET A 451 4.52 -20.15 12.26
N ARG A 452 4.24 -21.44 12.05
CA ARG A 452 4.86 -22.20 10.98
C ARG A 452 4.28 -21.89 9.60
N SER A 453 3.04 -21.41 9.57
CA SER A 453 2.38 -21.09 8.32
C SER A 453 2.59 -19.64 7.93
N GLN A 454 3.11 -18.85 8.86
CA GLN A 454 3.31 -17.43 8.62
C GLN A 454 4.15 -17.17 7.38
N TYR A 455 5.22 -17.94 7.22
CA TYR A 455 6.12 -17.75 6.09
C TYR A 455 5.92 -18.74 4.95
N VAL A 456 4.88 -19.56 5.04
CA VAL A 456 4.58 -20.52 3.98
C VAL A 456 3.74 -19.75 2.98
N THR A 457 4.40 -19.14 2.02
CA THR A 457 3.67 -18.33 1.04
C THR A 457 4.13 -18.49 -0.40
N ALA A 458 3.55 -17.66 -1.26
CA ALA A 458 3.85 -17.67 -2.69
C ALA A 458 5.15 -16.95 -2.99
N ARG A 459 5.57 -16.07 -2.08
CA ARG A 459 6.81 -15.33 -2.26
C ARG A 459 8.05 -16.23 -2.24
N GLY A 460 9.13 -15.75 -2.86
CA GLY A 460 10.36 -16.52 -2.92
C GLY A 460 11.03 -16.67 -1.55
N GLY A 461 11.80 -17.75 -1.38
CA GLY A 461 12.48 -17.99 -0.12
C GLY A 461 13.90 -18.47 -0.35
N SER A 462 14.54 -17.97 -1.42
CA SER A 462 15.91 -18.34 -1.76
C SER A 462 16.00 -19.84 -2.02
N GLY A 463 14.98 -20.37 -2.72
CA GLY A 463 14.91 -21.79 -3.04
C GLY A 463 16.17 -22.43 -3.61
N ALA A 464 16.81 -21.72 -4.53
CA ALA A 464 18.03 -22.22 -5.15
C ALA A 464 19.13 -22.54 -4.13
N ALA A 465 19.49 -21.56 -3.32
CA ALA A 465 20.54 -21.73 -2.33
C ALA A 465 20.21 -22.79 -1.28
N LEU A 466 18.94 -22.93 -0.93
CA LEU A 466 18.54 -23.93 0.05
C LEU A 466 18.84 -25.32 -0.49
N ARG A 467 18.41 -25.58 -1.72
CA ARG A 467 18.65 -26.88 -2.34
C ARG A 467 20.14 -27.16 -2.48
N GLU A 468 20.94 -26.12 -2.67
CA GLU A 468 22.39 -26.28 -2.81
C GLU A 468 23.07 -26.58 -1.48
N SER A 469 22.71 -25.83 -0.45
CA SER A 469 23.31 -26.06 0.86
C SER A 469 22.87 -27.43 1.35
N LEU A 470 21.63 -27.81 1.03
CA LEU A 470 21.11 -29.10 1.45
C LEU A 470 21.72 -30.19 0.59
N TYR A 471 21.88 -29.92 -0.69
CA TYR A 471 22.47 -30.92 -1.57
C TYR A 471 23.90 -31.24 -1.14
N ALA A 472 24.56 -30.25 -0.53
CA ALA A 472 25.94 -30.38 -0.08
C ALA A 472 26.13 -31.39 1.06
N ILE A 473 25.04 -31.96 1.55
CA ILE A 473 25.16 -32.93 2.62
C ILE A 473 24.39 -34.22 2.31
N ASN A 474 24.21 -34.46 1.01
CA ASN A 474 23.54 -35.67 0.54
C ASN A 474 22.11 -35.86 1.03
N VAL A 475 21.41 -34.74 1.17
CA VAL A 475 20.02 -34.74 1.56
C VAL A 475 19.28 -34.21 0.36
N SER A 476 18.72 -35.10 -0.45
CA SER A 476 18.00 -34.66 -1.63
C SER A 476 16.53 -34.44 -1.33
N LEU A 477 15.98 -33.37 -1.89
CA LEU A 477 14.59 -33.01 -1.69
C LEU A 477 13.77 -33.40 -2.91
N PRO A 478 12.51 -33.84 -2.68
CA PRO A 478 11.62 -34.24 -3.77
C PRO A 478 11.50 -33.11 -4.79
N ASP A 479 11.41 -33.48 -6.07
CA ASP A 479 11.31 -32.50 -7.13
C ASP A 479 9.88 -32.27 -7.61
N PHE A 480 8.97 -33.18 -7.23
CA PHE A 480 7.57 -33.07 -7.66
C PHE A 480 7.54 -32.83 -9.17
N LYS A 481 8.24 -33.68 -9.91
CA LYS A 481 8.31 -33.53 -11.37
C LYS A 481 6.94 -33.55 -12.03
N GLY A 482 6.63 -32.50 -12.79
CA GLY A 482 5.36 -32.45 -13.48
C GLY A 482 4.26 -31.59 -12.89
N LEU A 483 4.49 -30.96 -11.74
CA LEU A 483 3.48 -30.11 -11.12
C LEU A 483 3.50 -28.65 -11.62
N PRO A 484 2.38 -28.18 -12.19
CA PRO A 484 2.23 -26.82 -12.72
C PRO A 484 2.30 -25.70 -11.69
N VAL A 485 3.22 -25.81 -10.74
CA VAL A 485 3.34 -24.78 -9.71
C VAL A 485 4.67 -24.06 -9.80
N LYS A 486 4.70 -22.83 -9.32
CA LYS A 486 5.93 -22.05 -9.32
C LYS A 486 6.83 -22.60 -8.20
N ALA A 487 7.88 -23.32 -8.59
CA ALA A 487 8.80 -23.90 -7.62
C ALA A 487 9.48 -22.87 -6.73
N ALA A 488 9.73 -21.69 -7.28
CA ALA A 488 10.38 -20.62 -6.52
C ALA A 488 9.45 -19.98 -5.51
N THR A 489 8.81 -20.80 -4.70
CA THR A 489 7.91 -20.29 -3.67
C THR A 489 8.16 -21.05 -2.38
N LYS A 490 8.03 -20.37 -1.25
CA LYS A 490 8.23 -21.01 0.04
C LYS A 490 7.21 -22.15 0.21
N ILE A 491 6.07 -22.04 -0.46
CA ILE A 491 5.03 -23.08 -0.42
C ILE A 491 5.67 -24.36 -0.96
N PHE A 492 6.36 -24.24 -2.09
CA PHE A 492 7.02 -25.38 -2.69
C PHE A 492 8.10 -25.86 -1.71
N GLN A 493 8.83 -24.93 -1.13
CA GLN A 493 9.86 -25.27 -0.16
C GLN A 493 9.27 -26.09 0.98
N ALA A 494 8.10 -25.69 1.46
CA ALA A 494 7.44 -26.38 2.57
C ALA A 494 7.15 -27.81 2.15
N ALA A 495 6.65 -27.97 0.94
CA ALA A 495 6.34 -29.29 0.43
C ALA A 495 7.57 -30.17 0.43
N GLN A 496 8.72 -29.64 0.00
CA GLN A 496 9.96 -30.42 -0.04
C GLN A 496 10.52 -30.80 1.33
N LEU A 497 10.35 -29.92 2.31
CA LEU A 497 10.90 -30.16 3.63
C LEU A 497 9.99 -30.95 4.55
N ALA A 498 8.70 -30.87 4.28
CA ALA A 498 7.66 -31.54 5.06
C ALA A 498 8.03 -32.78 5.91
N ASN A 499 8.71 -33.76 5.33
CA ASN A 499 9.00 -34.96 6.11
C ASN A 499 10.46 -35.19 6.49
N LEU A 500 11.14 -34.13 6.90
CA LEU A 500 12.54 -34.27 7.27
C LEU A 500 12.73 -33.72 8.67
N PRO A 501 13.50 -34.42 9.50
CA PRO A 501 13.72 -33.93 10.86
C PRO A 501 14.55 -32.65 10.82
N PHE A 502 14.38 -31.81 11.83
CA PHE A 502 15.12 -30.56 11.93
C PHE A 502 16.59 -30.79 11.65
N SER A 503 17.12 -31.91 12.11
CA SER A 503 18.53 -32.25 11.93
C SER A 503 19.05 -32.38 10.51
N HIS A 504 18.16 -32.74 9.58
CA HIS A 504 18.56 -32.91 8.18
C HIS A 504 18.63 -31.61 7.41
N THR A 505 17.87 -30.62 7.86
CA THR A 505 17.83 -29.34 7.19
C THR A 505 18.60 -28.25 7.94
N SER A 506 19.12 -28.59 9.12
CA SER A 506 19.86 -27.63 9.93
C SER A 506 20.80 -26.73 9.13
N VAL A 507 21.66 -27.35 8.31
CA VAL A 507 22.63 -26.57 7.55
C VAL A 507 22.01 -25.52 6.64
N ALA A 508 20.76 -25.74 6.24
CA ALA A 508 20.09 -24.79 5.37
C ALA A 508 19.95 -23.43 6.05
N ILE A 509 20.10 -23.42 7.37
CA ILE A 509 20.00 -22.16 8.11
C ILE A 509 21.12 -21.22 7.77
N LEU A 510 22.22 -21.76 7.27
CA LEU A 510 23.37 -20.95 6.89
C LEU A 510 23.50 -20.74 5.38
N ALA A 511 22.53 -21.20 4.59
CA ALA A 511 22.59 -21.04 3.14
C ALA A 511 22.46 -19.58 2.67
N ASP A 512 22.98 -19.28 1.47
CA ASP A 512 22.91 -17.95 0.89
C ASP A 512 21.46 -17.44 0.80
N THR A 513 21.34 -16.13 0.67
CA THR A 513 20.06 -15.45 0.55
C THR A 513 20.03 -14.71 -0.81
N SER A 514 18.99 -14.91 -1.59
CA SER A 514 18.90 -14.27 -2.91
C SER A 514 18.29 -12.88 -2.85
N MET A 515 19.02 -11.89 -3.34
CA MET A 515 18.53 -10.53 -3.31
C MET A 515 17.44 -10.18 -4.31
N GLY A 516 16.42 -9.51 -3.81
CA GLY A 516 15.31 -9.05 -4.63
C GLY A 516 15.40 -7.54 -4.67
N LEU A 517 14.56 -6.89 -5.46
CA LEU A 517 14.64 -5.45 -5.54
C LEU A 517 13.30 -4.82 -5.81
N ARG A 518 13.14 -3.58 -5.36
CA ARG A 518 11.91 -2.84 -5.57
C ARG A 518 12.25 -1.36 -5.62
N ASN A 519 11.87 -0.71 -6.70
CA ASN A 519 12.17 0.71 -6.85
C ASN A 519 11.17 1.60 -6.10
N GLN A 520 11.60 2.82 -5.79
CA GLN A 520 10.78 3.74 -5.03
C GLN A 520 10.72 5.15 -5.61
N VAL A 521 9.67 5.87 -5.26
CA VAL A 521 9.58 7.24 -5.70
C VAL A 521 10.44 8.06 -4.74
N GLN A 522 11.15 9.05 -5.27
CA GLN A 522 11.97 9.93 -4.44
C GLN A 522 12.89 9.24 -3.45
N ARG A 523 13.35 8.03 -3.79
CA ARG A 523 14.22 7.27 -2.90
C ARG A 523 15.04 6.21 -3.63
N ARG A 524 16.14 5.76 -3.02
CA ARG A 524 16.98 4.74 -3.61
C ARG A 524 16.21 3.42 -3.57
N PRO A 525 16.63 2.42 -4.36
CA PRO A 525 15.93 1.13 -4.37
C PRO A 525 15.98 0.37 -3.03
N ARG A 526 14.89 -0.34 -2.74
CA ARG A 526 14.78 -1.13 -1.52
C ARG A 526 15.19 -2.57 -1.85
N SER A 527 16.14 -3.10 -1.08
CA SER A 527 16.62 -4.47 -1.31
C SER A 527 15.70 -5.47 -0.60
N ILE A 528 15.50 -6.62 -1.23
CA ILE A 528 14.64 -7.65 -0.67
C ILE A 528 15.41 -8.95 -0.37
N MET A 529 15.77 -9.16 0.89
CA MET A 529 16.50 -10.36 1.27
C MET A 529 15.58 -11.32 2.01
N PRO A 530 14.94 -12.24 1.27
CA PRO A 530 14.01 -13.26 1.75
C PRO A 530 14.66 -14.55 2.24
N LEU A 531 14.56 -14.79 3.55
CA LEU A 531 15.12 -16.00 4.14
C LEU A 531 14.38 -17.26 3.69
N ASN A 532 14.98 -18.42 3.90
CA ASN A 532 14.33 -19.67 3.52
C ASN A 532 13.49 -20.23 4.68
N VAL A 533 12.66 -21.22 4.36
CA VAL A 533 11.80 -21.80 5.38
C VAL A 533 12.54 -22.22 6.66
N PRO A 534 13.64 -23.01 6.54
CA PRO A 534 14.34 -23.40 7.78
C PRO A 534 14.85 -22.19 8.56
N GLN A 535 15.28 -21.15 7.86
CA GLN A 535 15.76 -19.94 8.52
C GLN A 535 14.61 -19.23 9.25
N GLN A 536 13.49 -19.07 8.56
CA GLN A 536 12.34 -18.41 9.18
C GLN A 536 11.90 -19.19 10.41
N GLN A 537 11.84 -20.51 10.28
CA GLN A 537 11.41 -21.35 11.39
C GLN A 537 12.22 -21.04 12.64
N VAL A 538 13.54 -21.05 12.46
CA VAL A 538 14.47 -20.80 13.54
C VAL A 538 14.41 -19.38 14.08
N SER A 539 13.86 -18.45 13.29
CA SER A 539 13.73 -17.05 13.69
C SER A 539 12.54 -16.77 14.63
N ALA A 540 11.66 -17.76 14.81
CA ALA A 540 10.47 -17.59 15.63
C ALA A 540 10.66 -16.95 17.01
N PRO A 541 11.65 -17.41 17.78
CA PRO A 541 11.88 -16.85 19.12
C PRO A 541 12.15 -15.35 19.10
N HIS A 542 12.96 -14.93 18.15
CA HIS A 542 13.33 -13.54 17.96
C HIS A 542 12.04 -12.75 17.67
N THR A 543 11.30 -13.23 16.69
CA THR A 543 10.05 -12.60 16.29
C THR A 543 8.99 -12.52 17.40
N LEU A 544 8.78 -13.65 18.08
CA LEU A 544 7.78 -13.73 19.14
C LEU A 544 8.06 -12.77 20.28
N THR A 545 9.31 -12.74 20.72
CA THR A 545 9.69 -11.85 21.81
C THR A 545 9.48 -10.40 21.37
N ALA A 546 9.78 -10.13 20.10
CA ALA A 546 9.61 -8.78 19.56
C ALA A 546 8.12 -8.39 19.60
N ASP A 547 7.25 -9.29 19.15
CA ASP A 547 5.83 -8.99 19.18
C ASP A 547 5.34 -8.72 20.59
N TYR A 548 5.82 -9.52 21.54
CA TYR A 548 5.43 -9.37 22.93
C TYR A 548 5.77 -7.96 23.43
N ILE A 549 6.96 -7.49 23.09
CA ILE A 549 7.40 -6.17 23.46
C ILE A 549 6.51 -5.12 22.84
N ASN A 550 6.21 -5.27 21.55
CA ASN A 550 5.37 -4.31 20.85
C ASN A 550 3.91 -4.37 21.27
N TYR A 551 3.52 -5.49 21.86
CA TYR A 551 2.14 -5.60 22.29
C TYR A 551 1.95 -5.13 23.73
N HIS A 552 2.90 -5.44 24.60
CA HIS A 552 2.77 -5.10 26.03
C HIS A 552 3.67 -3.98 26.56
N MET A 553 4.81 -3.76 25.92
CA MET A 553 5.75 -2.79 26.45
C MET A 553 5.91 -1.44 25.80
N ASN A 554 5.43 -1.26 24.57
CA ASN A 554 5.56 0.05 23.93
C ASN A 554 4.33 0.52 23.19
N LEU A 555 4.45 1.72 22.64
CA LEU A 555 3.41 2.36 21.88
C LEU A 555 3.83 2.26 20.41
N SER A 556 3.39 1.21 19.72
CA SER A 556 3.75 0.99 18.31
C SER A 556 2.59 0.65 17.39
N PRO A 557 2.77 0.78 16.06
CA PRO A 557 1.71 0.45 15.11
C PRO A 557 2.22 -0.65 14.18
N THR A 558 1.32 -1.21 13.39
CA THR A 558 1.64 -2.25 12.43
C THR A 558 0.92 -1.83 11.15
N SER A 559 1.37 -0.73 10.57
CA SER A 559 0.77 -0.17 9.37
C SER A 559 1.21 -0.79 8.04
N GLY A 560 0.36 -0.62 7.03
CA GLY A 560 0.64 -1.13 5.70
C GLY A 560 1.15 -0.02 4.79
N SER A 561 0.53 0.12 3.63
CA SER A 561 0.95 1.14 2.66
C SER A 561 -0.18 2.12 2.30
N ALA A 562 -1.41 1.77 2.67
CA ALA A 562 -2.57 2.61 2.38
C ALA A 562 -2.79 3.69 3.44
N VAL A 563 -3.23 4.86 3.01
CA VAL A 563 -3.48 5.98 3.91
C VAL A 563 -4.48 5.56 5.00
N ILE A 564 -5.45 4.75 4.60
CA ILE A 564 -6.50 4.26 5.49
C ILE A 564 -6.01 3.52 6.74
N GLU A 565 -4.81 2.95 6.66
CA GLU A 565 -4.27 2.20 7.79
C GLU A 565 -3.06 2.84 8.45
N LYS A 566 -2.80 4.11 8.16
CA LYS A 566 -1.65 4.80 8.75
C LYS A 566 -1.98 5.76 9.89
N VAL A 567 -2.97 5.38 10.70
CA VAL A 567 -3.41 6.15 11.86
C VAL A 567 -3.45 7.67 11.70
N ILE A 568 -4.19 8.15 10.69
CA ILE A 568 -4.31 9.58 10.44
C ILE A 568 -4.53 10.42 11.72
N PRO A 569 -5.45 10.00 12.61
CA PRO A 569 -5.76 10.71 13.86
C PRO A 569 -4.55 11.09 14.73
N LEU A 570 -3.60 10.17 14.84
CA LEU A 570 -2.40 10.43 15.64
C LEU A 570 -1.70 11.68 15.12
N GLY A 571 -1.45 11.72 13.82
CA GLY A 571 -0.78 12.86 13.21
C GLY A 571 -1.51 14.16 13.49
N VAL A 572 -2.84 14.12 13.40
CA VAL A 572 -3.66 15.30 13.66
C VAL A 572 -3.39 15.84 15.06
N TYR A 573 -3.40 14.93 16.03
CA TYR A 573 -3.17 15.24 17.43
C TYR A 573 -1.78 15.79 17.68
N ALA A 574 -0.79 15.06 17.19
CA ALA A 574 0.60 15.40 17.36
C ALA A 574 0.99 16.71 16.69
N SER A 575 0.28 17.07 15.63
CA SER A 575 0.62 18.30 14.94
C SER A 575 -0.20 19.52 15.36
N SER A 576 -1.16 19.32 16.25
CA SER A 576 -1.98 20.45 16.69
C SER A 576 -1.45 21.26 17.85
N PRO A 577 -1.18 22.54 17.61
CA PRO A 577 -0.68 23.35 18.71
C PRO A 577 -1.80 23.33 19.76
N PRO A 578 -1.44 23.34 21.05
CA PRO A 578 -0.18 23.38 21.78
C PRO A 578 0.73 22.16 21.69
N ASN A 579 0.27 21.02 21.16
CA ASN A 579 1.18 19.84 21.04
C ASN A 579 2.29 20.03 20.01
N GLN A 580 3.38 19.27 20.14
CA GLN A 580 4.47 19.34 19.17
C GLN A 580 5.02 17.93 18.93
N SER A 581 5.61 17.70 17.77
CA SER A 581 6.16 16.39 17.47
C SER A 581 7.51 16.49 16.80
N ILE A 582 8.40 15.58 17.18
CA ILE A 582 9.73 15.50 16.62
C ILE A 582 9.70 14.22 15.79
N ASN A 583 10.13 14.29 14.54
CA ASN A 583 10.14 13.10 13.70
C ASN A 583 11.54 12.51 13.85
N ILE A 584 11.59 11.27 14.34
CA ILE A 584 12.86 10.59 14.56
C ILE A 584 12.95 9.35 13.70
N ASP A 585 14.11 9.15 13.08
CA ASP A 585 14.32 7.99 12.24
C ASP A 585 15.69 7.37 12.51
N ILE A 586 15.75 6.05 12.40
CA ILE A 586 17.00 5.34 12.57
C ILE A 586 17.49 5.12 11.14
N SER A 587 18.50 5.87 10.72
CA SER A 587 19.04 5.74 9.37
C SER A 587 19.84 4.46 9.26
N ALA A 588 19.83 3.87 8.05
CA ALA A 588 20.54 2.60 7.80
C ALA A 588 20.26 1.64 8.96
N CYS A 589 18.97 1.46 9.27
CA CYS A 589 18.57 0.60 10.37
C CYS A 589 19.10 -0.85 10.27
N ASP A 590 18.87 -1.50 9.13
CA ASP A 590 19.34 -2.88 8.97
C ASP A 590 20.85 -2.99 9.13
N ALA A 591 21.57 -2.00 8.63
CA ALA A 591 23.02 -2.01 8.72
C ALA A 591 23.51 -1.63 10.11
N SER A 592 22.58 -1.23 10.98
CA SER A 592 22.97 -0.81 12.33
C SER A 592 22.54 -1.79 13.41
N ILE A 593 21.85 -2.85 13.01
CA ILE A 593 21.41 -3.90 13.94
C ILE A 593 22.28 -5.10 13.60
N THR A 594 23.48 -5.14 14.19
CA THR A 594 24.41 -6.21 13.93
C THR A 594 24.72 -7.02 15.18
N TRP A 595 25.62 -7.99 15.04
CA TRP A 595 25.97 -8.84 16.17
C TRP A 595 26.78 -8.16 17.27
N ASP A 596 27.76 -7.35 16.90
CA ASP A 596 28.63 -6.67 17.86
C ASP A 596 27.95 -5.99 19.04
N PHE A 597 26.73 -5.50 18.84
CA PHE A 597 26.03 -4.85 19.93
C PHE A 597 24.65 -5.44 20.17
N PHE A 598 23.75 -5.21 19.23
CA PHE A 598 22.38 -5.68 19.37
C PHE A 598 22.13 -7.18 19.37
N LEU A 599 22.40 -7.83 18.25
CA LEU A 599 22.13 -9.27 18.14
C LEU A 599 22.78 -10.19 19.16
N SER A 600 24.02 -9.95 19.54
CA SER A 600 24.65 -10.81 20.53
C SER A 600 23.91 -10.65 21.86
N VAL A 601 23.45 -9.43 22.14
CA VAL A 601 22.70 -9.15 23.37
C VAL A 601 21.32 -9.83 23.34
N ILE A 602 20.55 -9.53 22.30
CA ILE A 602 19.21 -10.06 22.14
C ILE A 602 19.15 -11.59 22.13
N MET A 603 20.03 -12.22 21.36
CA MET A 603 20.04 -13.69 21.31
C MET A 603 20.26 -14.26 22.69
N ALA A 604 21.12 -13.62 23.48
CA ALA A 604 21.43 -14.10 24.82
C ALA A 604 20.26 -13.90 25.79
N ALA A 605 19.66 -12.73 25.71
CA ALA A 605 18.56 -12.41 26.59
C ALA A 605 17.38 -13.36 26.37
N ILE A 606 17.14 -13.70 25.11
CA ILE A 606 16.04 -14.60 24.76
C ILE A 606 16.38 -16.02 25.20
N HIS A 607 17.56 -16.49 24.79
CA HIS A 607 18.01 -17.82 25.15
C HIS A 607 17.88 -18.08 26.65
N GLU A 608 18.12 -17.04 27.47
CA GLU A 608 18.02 -17.24 28.91
C GLU A 608 16.62 -16.97 29.46
N GLY A 609 15.99 -15.88 29.03
CA GLY A 609 14.67 -15.55 29.54
C GLY A 609 13.62 -16.60 29.24
N VAL A 610 13.92 -17.41 28.25
CA VAL A 610 13.02 -18.45 27.78
C VAL A 610 13.24 -19.81 28.47
N ALA A 611 14.39 -19.97 29.11
CA ALA A 611 14.77 -21.23 29.77
C ALA A 611 13.79 -21.97 30.70
N SER A 612 13.26 -21.31 31.73
CA SER A 612 12.37 -22.02 32.67
C SER A 612 10.98 -22.42 32.16
N SER A 613 10.39 -21.61 31.29
CA SER A 613 9.07 -21.92 30.78
C SER A 613 9.06 -22.89 29.61
N SER A 614 10.16 -22.95 28.87
CA SER A 614 10.24 -23.86 27.71
C SER A 614 11.02 -25.11 28.06
N ILE A 615 11.46 -25.20 29.30
CA ILE A 615 12.27 -26.29 29.86
C ILE A 615 12.50 -27.60 29.11
N GLY A 616 11.50 -28.47 29.04
CA GLY A 616 11.73 -29.74 28.37
C GLY A 616 10.79 -30.01 27.22
N LYS A 617 10.71 -29.08 26.30
CA LYS A 617 9.80 -29.23 25.18
C LYS A 617 10.39 -28.80 23.85
N PRO A 618 9.86 -29.36 22.77
CA PRO A 618 10.34 -28.99 21.44
C PRO A 618 9.50 -27.78 21.08
N PHE A 619 9.82 -27.12 19.98
CA PHE A 619 9.02 -25.97 19.59
C PHE A 619 8.95 -25.83 18.08
N MET A 620 7.72 -25.74 17.58
CA MET A 620 7.49 -25.60 16.15
C MET A 620 8.27 -26.60 15.30
N GLY A 621 8.52 -27.78 15.84
CA GLY A 621 9.25 -28.79 15.10
C GLY A 621 10.71 -28.93 15.47
N VAL A 622 11.24 -28.00 16.26
CA VAL A 622 12.64 -28.10 16.63
C VAL A 622 12.76 -28.76 17.99
N PRO A 623 13.55 -29.83 18.06
CA PRO A 623 13.79 -30.61 19.28
C PRO A 623 14.74 -29.97 20.27
N ALA A 624 14.63 -30.40 21.51
CA ALA A 624 15.53 -29.93 22.56
C ALA A 624 16.87 -30.56 22.23
N SER A 625 17.94 -30.06 22.84
CA SER A 625 19.26 -30.64 22.61
C SER A 625 20.24 -30.41 23.76
N ILE A 626 21.52 -30.60 23.45
CA ILE A 626 22.56 -30.44 24.45
C ILE A 626 23.61 -29.51 23.88
N VAL A 627 24.03 -28.57 24.70
CA VAL A 627 25.02 -27.59 24.28
C VAL A 627 26.19 -27.52 25.25
N ASN A 628 27.33 -27.08 24.74
CA ASN A 628 28.55 -26.94 25.52
C ASN A 628 28.41 -25.71 26.43
N ASP A 629 28.61 -25.91 27.72
CA ASP A 629 28.45 -24.81 28.69
C ASP A 629 29.72 -24.40 29.42
N GLU A 630 30.31 -23.29 28.98
CA GLU A 630 31.51 -22.77 29.61
C GLU A 630 31.14 -21.44 30.26
N SER A 631 29.87 -21.35 30.68
CA SER A 631 29.30 -20.17 31.34
C SER A 631 30.00 -19.85 32.65
N VAL A 632 29.97 -20.81 33.58
CA VAL A 632 30.61 -20.65 34.87
C VAL A 632 32.10 -20.83 34.66
N VAL A 633 32.89 -19.89 35.18
CA VAL A 633 34.33 -19.93 35.02
C VAL A 633 34.93 -21.28 35.47
N GLY A 634 35.84 -21.82 34.65
CA GLY A 634 36.48 -23.09 34.96
C GLY A 634 35.65 -24.31 34.59
N VAL A 635 34.46 -24.40 35.18
CA VAL A 635 33.54 -25.50 34.95
C VAL A 635 33.17 -25.58 33.46
N ARG A 636 32.98 -26.80 32.98
CA ARG A 636 32.60 -27.01 31.60
C ARG A 636 31.69 -28.22 31.52
N ALA A 637 30.40 -27.97 31.36
CA ALA A 637 29.43 -29.05 31.29
C ALA A 637 28.64 -29.05 30.00
N ALA A 638 27.75 -30.03 29.88
CA ALA A 638 26.88 -30.15 28.72
C ALA A 638 25.51 -29.84 29.27
N ARG A 639 24.99 -28.66 28.97
CA ARG A 639 23.68 -28.25 29.47
C ARG A 639 22.50 -28.52 28.53
N PRO A 640 21.44 -29.12 29.07
CA PRO A 640 20.26 -29.40 28.26
C PRO A 640 19.51 -28.09 27.99
N ILE A 641 19.08 -27.90 26.74
CA ILE A 641 18.35 -26.70 26.38
C ILE A 641 17.09 -27.14 25.66
N SER A 642 16.08 -26.26 25.64
CA SER A 642 14.80 -26.56 25.02
C SER A 642 14.82 -26.41 23.50
N GLY A 643 13.70 -26.77 22.88
CA GLY A 643 13.58 -26.62 21.43
C GLY A 643 13.69 -25.15 21.09
N MET A 644 12.97 -24.33 21.83
CA MET A 644 12.98 -22.89 21.61
C MET A 644 14.43 -22.38 21.69
N GLN A 645 15.14 -22.75 22.74
CA GLN A 645 16.53 -22.35 22.93
C GLN A 645 17.38 -22.88 21.78
N ASN A 646 17.07 -24.11 21.37
CA ASN A 646 17.81 -24.72 20.27
C ASN A 646 17.69 -23.84 19.03
N MET A 647 16.51 -23.27 18.81
CA MET A 647 16.34 -22.39 17.65
C MET A 647 17.28 -21.20 17.76
N ILE A 648 17.15 -20.45 18.87
CA ILE A 648 17.98 -19.28 19.09
C ILE A 648 19.43 -19.65 18.88
N GLN A 649 19.79 -20.83 19.37
CA GLN A 649 21.15 -21.35 19.27
C GLN A 649 21.59 -21.40 17.79
N HIS A 650 20.76 -22.01 16.94
CA HIS A 650 21.10 -22.09 15.50
C HIS A 650 21.03 -20.74 14.81
N LEU A 651 20.11 -19.88 15.25
CA LEU A 651 19.92 -18.56 14.66
C LEU A 651 21.14 -17.67 14.92
N SER A 652 21.69 -17.80 16.13
CA SER A 652 22.86 -17.01 16.56
C SER A 652 24.06 -17.26 15.65
N LYS A 653 24.19 -18.49 15.17
CA LYS A 653 25.28 -18.85 14.31
C LYS A 653 25.20 -18.06 13.02
N LEU A 654 23.99 -17.95 12.48
CA LEU A 654 23.79 -17.18 11.27
C LEU A 654 24.00 -15.70 11.54
N TYR A 655 23.32 -15.18 12.57
CA TYR A 655 23.43 -13.76 12.90
C TYR A 655 24.87 -13.38 13.14
N LYS A 656 25.60 -14.27 13.81
CA LYS A 656 27.00 -14.04 14.14
C LYS A 656 27.92 -14.09 12.92
N ARG A 657 27.69 -15.07 12.05
CA ARG A 657 28.50 -15.24 10.84
C ARG A 657 28.34 -14.07 9.88
N GLY A 658 27.10 -13.70 9.64
CA GLY A 658 26.83 -12.64 8.70
C GLY A 658 25.99 -13.25 7.60
N PHE A 659 25.53 -12.44 6.67
CA PHE A 659 24.70 -12.95 5.61
C PHE A 659 25.41 -12.98 4.28
N SER A 660 24.99 -13.91 3.41
CA SER A 660 25.58 -14.03 2.09
C SER A 660 24.51 -13.79 1.05
N TYR A 661 24.60 -12.63 0.42
CA TYR A 661 23.66 -12.25 -0.60
C TYR A 661 24.12 -12.60 -1.99
N ARG A 662 23.32 -13.43 -2.66
CA ARG A 662 23.62 -13.84 -4.03
C ARG A 662 23.01 -12.78 -4.93
N VAL A 663 23.88 -12.05 -5.62
CA VAL A 663 23.44 -11.00 -6.51
C VAL A 663 23.48 -11.45 -7.97
N ASN A 664 22.32 -11.43 -8.63
CA ASN A 664 22.22 -11.80 -10.04
C ASN A 664 21.78 -10.59 -10.86
N ASP A 665 22.72 -9.70 -11.14
CA ASP A 665 22.40 -8.48 -11.88
C ASP A 665 22.01 -8.75 -13.34
N SER A 666 20.72 -8.73 -13.59
CA SER A 666 20.16 -8.98 -14.89
C SER A 666 20.48 -7.85 -15.88
N PHE A 667 20.72 -6.66 -15.36
CA PHE A 667 21.01 -5.53 -16.23
C PHE A 667 22.49 -5.39 -16.57
N SER A 668 23.37 -6.01 -15.79
CA SER A 668 24.81 -5.89 -16.00
C SER A 668 25.42 -7.24 -16.29
N PRO A 669 25.66 -7.56 -17.58
CA PRO A 669 26.24 -8.84 -17.99
C PRO A 669 27.54 -9.11 -17.26
N GLY A 670 27.68 -10.33 -16.71
CA GLY A 670 28.89 -10.68 -16.02
C GLY A 670 28.92 -10.27 -14.57
N ASN A 671 27.83 -9.70 -14.07
CA ASN A 671 27.77 -9.28 -12.67
C ASN A 671 26.97 -10.26 -11.81
N ASP A 672 27.59 -11.40 -11.54
CA ASP A 672 26.98 -12.44 -10.71
C ASP A 672 27.97 -12.65 -9.58
N PHE A 673 27.55 -12.40 -8.35
CA PHE A 673 28.47 -12.56 -7.25
C PHE A 673 27.77 -12.70 -5.91
N THR A 674 28.47 -13.29 -4.96
CA THR A 674 27.93 -13.45 -3.63
C THR A 674 28.58 -12.35 -2.78
N HIS A 675 27.78 -11.73 -1.94
CA HIS A 675 28.26 -10.65 -1.11
C HIS A 675 27.98 -10.95 0.36
N MET A 676 29.03 -10.90 1.17
CA MET A 676 28.90 -11.16 2.60
C MET A 676 28.82 -9.81 3.30
N THR A 677 27.87 -9.67 4.23
CA THR A 677 27.72 -8.41 4.95
C THR A 677 27.08 -8.65 6.31
N THR A 678 27.14 -7.65 7.19
CA THR A 678 26.53 -7.78 8.52
C THR A 678 25.13 -7.17 8.52
N THR A 679 24.78 -6.54 7.40
CA THR A 679 23.48 -5.89 7.25
C THR A 679 22.35 -6.91 7.40
N PHE A 680 21.39 -6.58 8.26
CA PHE A 680 20.25 -7.45 8.56
C PHE A 680 19.30 -7.80 7.40
N PRO A 681 18.76 -9.03 7.38
CA PRO A 681 17.84 -9.42 6.30
C PRO A 681 16.55 -8.63 6.42
N SER A 682 16.00 -8.18 5.29
CA SER A 682 14.76 -7.43 5.31
C SER A 682 13.55 -8.36 5.17
N GLY A 683 13.77 -9.56 4.63
CA GLY A 683 12.70 -10.51 4.44
C GLY A 683 12.58 -11.61 5.49
N SER A 684 12.83 -11.24 6.75
CA SER A 684 12.73 -12.17 7.86
C SER A 684 11.42 -11.84 8.57
N THR A 685 10.81 -12.84 9.21
CA THR A 685 9.57 -12.59 9.93
C THR A 685 9.85 -11.64 11.11
N ALA A 686 11.13 -11.48 11.44
CA ALA A 686 11.51 -10.64 12.57
C ALA A 686 11.88 -9.22 12.21
N THR A 687 12.40 -9.02 11.00
CA THR A 687 12.86 -7.71 10.59
C THR A 687 12.11 -6.51 11.18
N SER A 688 10.91 -6.25 10.67
CA SER A 688 10.16 -5.10 11.14
C SER A 688 9.86 -5.04 12.64
N THR A 689 9.25 -6.10 13.17
CA THR A 689 8.89 -6.13 14.58
C THR A 689 10.11 -6.03 15.52
N GLU A 690 11.23 -6.57 15.06
CA GLU A 690 12.51 -6.60 15.77
C GLU A 690 13.06 -5.19 15.90
N HIS A 691 13.03 -4.47 14.78
CA HIS A 691 13.50 -3.09 14.74
C HIS A 691 12.59 -2.19 15.56
N THR A 692 11.29 -2.48 15.55
CA THR A 692 10.36 -1.67 16.31
C THR A 692 10.67 -1.78 17.78
N ALA A 693 10.91 -3.01 18.24
CA ALA A 693 11.19 -3.26 19.64
C ALA A 693 12.50 -2.63 20.12
N ASN A 694 13.55 -2.68 19.28
CA ASN A 694 14.83 -2.08 19.66
C ASN A 694 14.71 -0.57 19.63
N ASN A 695 13.94 -0.06 18.66
CA ASN A 695 13.73 1.38 18.55
C ASN A 695 13.22 1.90 19.93
N SER A 696 12.08 1.38 20.40
CA SER A 696 11.50 1.81 21.68
C SER A 696 12.35 1.50 22.89
N THR A 697 12.97 0.33 22.91
CA THR A 697 13.79 -0.05 24.05
C THR A 697 14.94 0.94 24.26
N MET A 698 15.56 1.36 23.18
CA MET A 698 16.64 2.32 23.31
C MET A 698 16.10 3.71 23.67
N MET A 699 14.95 4.08 23.11
CA MET A 699 14.37 5.40 23.39
C MET A 699 13.97 5.43 24.86
N GLU A 700 13.49 4.31 25.36
CA GLU A 700 13.08 4.23 26.75
C GLU A 700 14.31 4.41 27.65
N THR A 701 15.40 3.72 27.31
CA THR A 701 16.65 3.78 28.06
C THR A 701 17.19 5.21 28.12
N PHE A 702 17.04 5.93 27.01
CA PHE A 702 17.51 7.31 26.94
C PHE A 702 16.69 8.21 27.87
N LEU A 703 15.37 8.07 27.82
CA LEU A 703 14.48 8.89 28.65
C LEU A 703 14.57 8.56 30.13
N THR A 704 14.89 7.32 30.44
CA THR A 704 14.97 6.88 31.82
C THR A 704 16.37 6.98 32.42
N VAL A 705 17.36 6.56 31.67
CA VAL A 705 18.71 6.54 32.17
C VAL A 705 19.74 7.51 31.60
N TRP A 706 20.18 7.23 30.38
CA TRP A 706 21.21 8.05 29.74
C TRP A 706 20.95 9.55 29.76
N GLY A 707 19.78 9.96 29.29
CA GLY A 707 19.47 11.38 29.27
C GLY A 707 19.68 12.02 30.62
N PRO A 708 18.90 11.62 31.63
CA PRO A 708 19.02 12.18 32.97
C PRO A 708 20.46 12.24 33.51
N GLU A 709 21.28 11.23 33.18
CA GLU A 709 22.66 11.17 33.65
C GLU A 709 23.61 12.05 32.84
N HIS A 710 23.10 12.69 31.80
CA HIS A 710 23.98 13.50 30.98
C HIS A 710 23.65 14.98 30.96
N THR A 711 22.83 15.41 31.91
CA THR A 711 22.47 16.82 31.98
C THR A 711 21.92 17.11 33.37
N ASP A 712 22.01 18.36 33.79
CA ASP A 712 21.48 18.79 35.08
C ASP A 712 20.55 19.95 34.84
N ASP A 713 20.38 20.27 33.55
CA ASP A 713 19.51 21.33 33.08
C ASP A 713 18.10 21.01 33.56
N PRO A 714 17.56 21.80 34.51
CA PRO A 714 16.22 21.57 35.05
C PRO A 714 15.13 21.38 33.99
N ASP A 715 15.13 22.23 32.98
CA ASP A 715 14.14 22.13 31.93
C ASP A 715 14.25 20.84 31.11
N VAL A 716 15.45 20.49 30.69
CA VAL A 716 15.63 19.28 29.91
C VAL A 716 15.25 18.08 30.78
N LEU A 717 15.55 18.15 32.07
CA LEU A 717 15.21 17.06 32.97
C LEU A 717 13.70 16.98 33.11
N ARG A 718 13.01 18.12 33.09
CA ARG A 718 11.56 18.11 33.21
C ARG A 718 10.93 17.52 31.96
N LEU A 719 11.34 18.02 30.80
CA LEU A 719 10.82 17.51 29.54
C LEU A 719 10.96 15.98 29.52
N MET A 720 12.20 15.52 29.67
CA MET A 720 12.50 14.09 29.67
C MET A 720 11.55 13.32 30.59
N LYS A 721 11.45 13.74 31.84
CA LYS A 721 10.59 13.05 32.79
C LYS A 721 9.11 12.96 32.38
N SER A 722 8.62 13.97 31.66
CA SER A 722 7.22 13.99 31.22
C SER A 722 6.97 13.12 29.99
N LEU A 723 8.01 12.46 29.48
CA LEU A 723 7.86 11.61 28.31
C LEU A 723 8.01 10.17 28.72
N THR A 724 7.27 9.29 28.06
CA THR A 724 7.31 7.88 28.34
C THR A 724 7.09 7.16 27.02
N ILE A 725 7.78 6.04 26.81
CA ILE A 725 7.62 5.33 25.55
C ILE A 725 6.25 4.71 25.45
N GLN A 726 5.48 4.74 26.53
CA GLN A 726 4.15 4.18 26.50
C GLN A 726 3.09 5.23 26.19
N ARG A 727 3.46 6.50 26.24
CA ARG A 727 2.51 7.57 25.99
C ARG A 727 2.93 8.58 24.95
N ASN A 728 4.22 8.89 24.90
CA ASN A 728 4.70 9.93 24.00
C ASN A 728 5.57 9.54 22.82
N TYR A 729 5.83 8.25 22.65
CA TYR A 729 6.67 7.79 21.54
C TYR A 729 6.01 6.65 20.75
N VAL A 730 5.66 6.95 19.51
CA VAL A 730 5.01 5.98 18.63
C VAL A 730 6.03 5.56 17.58
N CYS A 731 6.26 4.26 17.45
CA CYS A 731 7.24 3.81 16.45
C CYS A 731 6.86 2.55 15.71
N GLN A 732 7.48 2.40 14.53
CA GLN A 732 7.30 1.24 13.68
C GLN A 732 8.60 1.09 12.89
N GLY A 733 9.27 -0.04 13.04
CA GLY A 733 10.52 -0.26 12.32
C GLY A 733 11.51 0.85 12.65
N ASP A 734 12.02 1.53 11.63
CA ASP A 734 12.98 2.58 11.88
C ASP A 734 12.34 3.96 11.97
N ASP A 735 11.01 4.03 11.96
CA ASP A 735 10.34 5.32 12.04
C ASP A 735 9.77 5.59 13.44
N GLY A 736 10.00 6.80 13.93
CA GLY A 736 9.51 7.17 15.24
C GLY A 736 8.97 8.59 15.30
N LEU A 737 7.93 8.77 16.11
CA LEU A 737 7.30 10.06 16.27
C LEU A 737 7.27 10.40 17.76
N MET A 738 7.99 11.45 18.15
CA MET A 738 8.06 11.91 19.53
C MET A 738 6.96 12.96 19.71
N ILE A 739 5.94 12.62 20.48
CA ILE A 739 4.81 13.52 20.70
C ILE A 739 4.84 14.28 22.02
N ILE A 740 5.22 15.55 21.97
CA ILE A 740 5.29 16.38 23.16
C ILE A 740 4.00 17.16 23.39
N ASP A 741 3.17 16.66 24.30
CA ASP A 741 1.92 17.34 24.64
C ASP A 741 2.24 18.74 25.19
N GLY A 742 1.38 19.71 24.94
CA GLY A 742 1.62 21.05 25.45
C GLY A 742 0.82 21.22 26.74
N THR A 743 0.63 22.47 27.18
CA THR A 743 -0.16 22.76 28.38
C THR A 743 -1.05 23.98 28.13
N THR A 744 -1.70 24.49 29.17
CA THR A 744 -2.55 25.66 29.02
C THR A 744 -1.63 26.86 28.82
N ALA A 745 -0.40 26.74 29.34
CA ALA A 745 0.61 27.79 29.23
C ALA A 745 1.26 27.78 27.85
N GLY A 746 0.66 27.04 26.93
CA GLY A 746 1.20 26.96 25.58
C GLY A 746 2.08 25.76 25.37
N LYS A 747 2.92 25.82 24.34
CA LYS A 747 3.80 24.72 24.03
C LYS A 747 5.15 24.77 24.73
N VAL A 748 5.74 23.59 24.90
CA VAL A 748 7.03 23.42 25.54
C VAL A 748 8.10 24.24 24.82
N ASN A 749 9.04 24.78 25.58
CA ASN A 749 10.14 25.58 25.04
C ASN A 749 10.93 24.87 23.95
N SER A 750 11.08 25.53 22.80
CA SER A 750 11.80 24.99 21.64
C SER A 750 13.28 24.74 21.92
N GLU A 751 13.89 25.67 22.63
CA GLU A 751 15.29 25.60 23.00
C GLU A 751 15.47 24.37 23.91
N THR A 752 14.49 24.11 24.78
CA THR A 752 14.57 22.97 25.69
C THR A 752 14.49 21.68 24.89
N ILE A 753 13.66 21.68 23.85
CA ILE A 753 13.51 20.51 22.99
C ILE A 753 14.79 20.29 22.20
N GLN A 754 15.39 21.37 21.72
CA GLN A 754 16.62 21.26 20.95
C GLN A 754 17.72 20.57 21.77
N ASN A 755 17.91 20.98 23.03
CA ASN A 755 18.92 20.36 23.88
C ASN A 755 18.65 18.86 24.08
N ASP A 756 17.37 18.50 24.25
CA ASP A 756 16.98 17.11 24.45
C ASP A 756 17.36 16.31 23.21
N LEU A 757 17.00 16.84 22.05
CA LEU A 757 17.29 16.17 20.78
C LEU A 757 18.78 15.96 20.56
N GLU A 758 19.60 16.95 20.92
CA GLU A 758 21.05 16.83 20.73
C GLU A 758 21.57 15.70 21.63
N LEU A 759 21.03 15.60 22.83
CA LEU A 759 21.42 14.54 23.75
C LEU A 759 21.08 13.18 23.14
N ILE A 760 19.87 13.09 22.56
CA ILE A 760 19.42 11.87 21.91
C ILE A 760 20.40 11.51 20.78
N SER A 761 20.79 12.52 20.02
CA SER A 761 21.71 12.33 18.90
C SER A 761 23.05 11.73 19.34
N LYS A 762 23.69 12.36 20.32
CA LYS A 762 24.97 11.83 20.81
C LYS A 762 24.80 10.44 21.42
N TYR A 763 23.65 10.21 22.05
CA TYR A 763 23.36 8.92 22.67
C TYR A 763 23.41 7.76 21.67
N GLY A 764 22.84 7.96 20.48
CA GLY A 764 22.83 6.93 19.47
C GLY A 764 24.18 6.51 18.92
N GLU A 765 25.10 7.49 18.80
CA GLU A 765 26.45 7.27 18.31
C GLU A 765 27.18 6.27 19.22
N GLU A 766 26.72 6.18 20.46
CA GLU A 766 27.31 5.27 21.43
C GLU A 766 27.14 3.81 21.01
N PHE A 767 25.99 3.48 20.43
CA PHE A 767 25.77 2.10 20.00
C PHE A 767 25.55 1.94 18.51
N GLY A 768 26.19 2.81 17.73
CA GLY A 768 26.10 2.71 16.27
C GLY A 768 24.84 3.12 15.54
N TRP A 769 23.96 3.88 16.19
CA TRP A 769 22.76 4.33 15.51
C TRP A 769 22.88 5.81 15.23
N LYS A 770 22.64 6.17 13.97
CA LYS A 770 22.68 7.56 13.55
C LYS A 770 21.23 7.99 13.46
N TYR A 771 20.75 8.70 14.46
CA TYR A 771 19.38 9.17 14.46
C TYR A 771 19.23 10.27 13.45
N ASP A 772 18.10 10.27 12.77
CA ASP A 772 17.79 11.29 11.80
C ASP A 772 16.63 12.00 12.44
N ILE A 773 16.93 13.12 13.08
CA ILE A 773 15.96 13.90 13.82
C ILE A 773 15.51 15.11 13.03
N ALA A 774 14.22 15.38 13.09
CA ALA A 774 13.68 16.54 12.41
C ALA A 774 12.66 17.20 13.33
N TYR A 775 12.95 18.45 13.69
CA TYR A 775 12.08 19.24 14.53
C TYR A 775 11.85 20.47 13.64
N ASP A 776 10.70 20.50 12.97
CA ASP A 776 10.40 21.58 12.04
C ASP A 776 9.00 22.18 12.10
N GLY A 777 8.30 22.00 13.21
CA GLY A 777 6.96 22.53 13.33
C GLY A 777 5.95 21.62 12.65
N THR A 778 6.45 20.53 12.07
CA THR A 778 5.64 19.57 11.35
C THR A 778 5.72 18.15 11.91
N ALA A 779 4.80 17.29 11.50
CA ALA A 779 4.79 15.90 11.93
C ALA A 779 4.82 15.03 10.68
N GLU A 780 5.65 14.01 10.70
CA GLU A 780 5.76 13.08 9.58
C GLU A 780 5.92 11.69 10.16
N TYR A 781 4.90 10.88 9.96
CA TYR A 781 4.94 9.53 10.47
C TYR A 781 4.30 8.61 9.43
N LEU A 782 5.01 7.52 9.13
CA LEU A 782 4.52 6.55 8.16
C LEU A 782 4.15 7.20 6.82
N LYS A 783 4.99 8.12 6.35
CA LYS A 783 4.78 8.78 5.06
C LYS A 783 3.57 9.71 4.89
N LEU A 784 2.94 10.10 5.99
CA LEU A 784 1.83 11.06 5.91
C LEU A 784 2.39 12.34 6.50
N TYR A 785 1.99 13.48 5.94
CA TYR A 785 2.48 14.76 6.44
C TYR A 785 1.37 15.52 7.15
N PHE A 786 1.72 16.18 8.25
CA PHE A 786 0.76 16.94 9.05
C PHE A 786 1.28 18.26 9.57
N ILE A 787 0.47 19.31 9.43
CA ILE A 787 0.83 20.63 9.97
C ILE A 787 -0.40 21.25 10.67
N PHE A 788 -0.20 21.67 11.92
CA PHE A 788 -1.28 22.26 12.69
C PHE A 788 -2.55 21.42 12.67
N GLY A 789 -2.39 20.10 12.74
CA GLY A 789 -3.53 19.22 12.78
C GLY A 789 -4.18 18.95 11.45
N CYS A 790 -3.58 19.45 10.38
CA CYS A 790 -4.09 19.24 9.03
C CYS A 790 -3.20 18.30 8.20
N ARG A 791 -3.81 17.29 7.60
CA ARG A 791 -3.05 16.37 6.78
C ARG A 791 -2.78 17.03 5.45
N ILE A 792 -1.54 16.90 4.98
CA ILE A 792 -1.16 17.44 3.70
C ILE A 792 -0.88 16.24 2.82
N PRO A 793 -1.81 15.90 1.92
CA PRO A 793 -1.55 14.74 1.05
C PRO A 793 -0.34 15.10 0.17
N ASN A 794 0.50 14.11 -0.11
CA ASN A 794 1.69 14.34 -0.94
C ASN A 794 1.49 13.64 -2.29
N LEU A 795 0.96 14.40 -3.25
CA LEU A 795 0.65 13.87 -4.58
C LEU A 795 1.83 13.35 -5.39
N SER A 796 3.01 13.89 -5.14
CA SER A 796 4.21 13.51 -5.86
C SER A 796 4.60 12.05 -5.61
N ARG A 797 4.22 11.52 -4.45
CA ARG A 797 4.53 10.14 -4.10
C ARG A 797 3.62 9.11 -4.75
N HIS A 798 2.59 9.59 -5.45
CA HIS A 798 1.65 8.69 -6.11
C HIS A 798 1.52 8.96 -7.62
N PRO A 799 2.63 8.80 -8.35
CA PRO A 799 2.65 9.04 -9.79
C PRO A 799 1.47 8.37 -10.52
N ILE A 800 0.70 9.18 -11.23
CA ILE A 800 -0.44 8.65 -11.97
C ILE A 800 0.00 7.71 -13.07
N VAL A 801 1.11 8.02 -13.73
CA VAL A 801 1.59 7.17 -14.81
C VAL A 801 2.67 6.20 -14.36
N GLY A 802 3.26 6.50 -13.21
CA GLY A 802 4.35 5.67 -12.73
C GLY A 802 4.01 4.29 -12.24
N LYS A 803 5.02 3.41 -12.31
CA LYS A 803 4.89 2.06 -11.81
C LYS A 803 6.27 1.47 -11.60
N GLU A 804 6.39 0.73 -10.51
CA GLU A 804 7.61 0.08 -10.09
C GLU A 804 7.86 -1.21 -10.88
N ARG A 805 8.99 -1.29 -11.58
CA ARG A 805 9.35 -2.52 -12.34
C ARG A 805 10.83 -2.78 -12.05
N ALA A 806 11.12 -3.45 -10.94
CA ALA A 806 12.52 -3.71 -10.57
C ALA A 806 13.27 -4.67 -11.47
N ASN A 807 12.59 -5.71 -11.94
CA ASN A 807 13.24 -6.70 -12.81
C ASN A 807 13.00 -6.38 -14.28
N SER A 808 13.39 -7.29 -15.15
CA SER A 808 13.18 -7.07 -16.57
C SER A 808 12.07 -7.96 -17.15
N SER A 809 11.29 -8.59 -16.27
CA SER A 809 10.21 -9.45 -16.73
C SER A 809 9.14 -8.59 -17.42
N ALA A 810 8.27 -9.24 -18.18
CA ALA A 810 7.22 -8.56 -18.91
C ALA A 810 6.07 -8.08 -18.04
N GLU A 811 5.54 -6.91 -18.35
CA GLU A 811 4.42 -6.35 -17.60
C GLU A 811 3.29 -7.37 -17.58
N GLU A 812 2.38 -7.23 -16.62
CA GLU A 812 1.24 -8.13 -16.51
C GLU A 812 0.34 -7.86 -17.70
N PRO A 813 -0.20 -8.91 -18.32
CA PRO A 813 -1.09 -8.88 -19.48
C PRO A 813 -2.42 -8.16 -19.24
N TRP A 814 -2.93 -7.52 -20.29
CA TRP A 814 -4.21 -6.84 -20.19
C TRP A 814 -5.20 -7.90 -19.72
N PRO A 815 -6.19 -7.52 -18.90
CA PRO A 815 -6.45 -6.16 -18.42
C PRO A 815 -5.97 -5.83 -17.00
N ALA A 816 -4.83 -6.34 -16.55
CA ALA A 816 -4.37 -6.00 -15.20
C ALA A 816 -4.30 -4.48 -15.06
N ILE A 817 -4.02 -3.80 -16.18
CA ILE A 817 -3.94 -2.35 -16.19
C ILE A 817 -5.23 -1.74 -15.66
N LEU A 818 -6.36 -2.40 -15.89
CA LEU A 818 -7.64 -1.89 -15.42
C LEU A 818 -7.64 -1.85 -13.90
N ASP A 819 -7.01 -2.84 -13.27
CA ASP A 819 -6.96 -2.84 -11.82
C ASP A 819 -6.09 -1.67 -11.36
N GLN A 820 -5.02 -1.39 -12.09
CA GLN A 820 -4.14 -0.29 -11.73
C GLN A 820 -4.79 1.07 -11.96
N ILE A 821 -5.53 1.20 -13.05
CA ILE A 821 -6.18 2.47 -13.34
C ILE A 821 -7.21 2.76 -12.26
N MET A 822 -7.92 1.72 -11.80
CA MET A 822 -8.89 1.90 -10.72
C MET A 822 -8.12 2.26 -9.44
N GLY A 823 -6.91 1.72 -9.31
CA GLY A 823 -6.07 2.00 -8.15
C GLY A 823 -5.62 3.46 -8.20
N VAL A 824 -5.45 3.99 -9.42
CA VAL A 824 -5.06 5.38 -9.59
C VAL A 824 -6.25 6.22 -9.10
N PHE A 825 -7.45 5.91 -9.59
CA PHE A 825 -8.64 6.64 -9.19
C PHE A 825 -8.82 6.68 -7.67
N PHE A 826 -8.72 5.53 -7.01
CA PHE A 826 -8.90 5.53 -5.56
C PHE A 826 -7.85 6.40 -4.88
N ASN A 827 -6.64 6.49 -5.43
CA ASN A 827 -5.64 7.34 -4.78
C ASN A 827 -6.13 8.78 -4.85
N GLY A 828 -6.75 9.15 -5.97
CA GLY A 828 -7.26 10.51 -6.10
C GLY A 828 -8.34 10.80 -5.06
N VAL A 829 -9.20 9.81 -4.79
CA VAL A 829 -10.27 9.97 -3.81
C VAL A 829 -9.65 10.19 -2.44
N HIS A 830 -8.66 9.37 -2.09
CA HIS A 830 -8.01 9.52 -0.80
C HIS A 830 -7.22 10.81 -0.72
N ASP A 831 -6.44 11.15 -1.76
CA ASP A 831 -5.63 12.37 -1.74
C ASP A 831 -6.42 13.65 -1.92
N GLY A 832 -7.73 13.52 -2.08
CA GLY A 832 -8.59 14.68 -2.23
C GLY A 832 -8.48 15.58 -3.46
N LEU A 833 -8.39 14.99 -4.63
CA LEU A 833 -8.33 15.78 -5.86
C LEU A 833 -9.69 16.47 -6.06
N GLN A 834 -9.79 17.35 -7.06
CA GLN A 834 -11.07 18.04 -7.32
C GLN A 834 -12.03 16.98 -7.86
N TRP A 835 -12.99 16.57 -7.04
CA TRP A 835 -13.88 15.47 -7.41
C TRP A 835 -14.45 15.39 -8.83
N GLN A 836 -15.00 16.49 -9.34
CA GLN A 836 -15.54 16.41 -10.68
C GLN A 836 -14.44 16.22 -11.72
N ARG A 837 -13.41 17.05 -11.69
CA ARG A 837 -12.35 16.92 -12.66
C ARG A 837 -11.75 15.52 -12.59
N TRP A 838 -11.62 14.98 -11.38
CA TRP A 838 -11.05 13.67 -11.22
C TRP A 838 -11.95 12.57 -11.78
N ILE A 839 -13.24 12.62 -11.44
CA ILE A 839 -14.17 11.62 -11.94
C ILE A 839 -14.18 11.61 -13.47
N ARG A 840 -14.28 12.81 -14.06
CA ARG A 840 -14.29 12.93 -15.52
C ARG A 840 -13.01 12.37 -16.10
N TYR A 841 -11.88 12.78 -15.56
CA TYR A 841 -10.62 12.25 -16.09
C TYR A 841 -10.59 10.70 -16.02
N SER A 842 -10.87 10.13 -14.86
CA SER A 842 -10.88 8.67 -14.69
C SER A 842 -11.74 7.98 -15.73
N TRP A 843 -12.88 8.59 -16.05
CA TRP A 843 -13.76 8.01 -17.04
C TRP A 843 -13.10 7.97 -18.41
N ALA A 844 -12.35 9.03 -18.72
CA ALA A 844 -11.65 9.09 -19.99
C ALA A 844 -10.56 8.03 -19.96
N LEU A 845 -9.85 7.95 -18.84
CA LEU A 845 -8.77 6.98 -18.67
C LEU A 845 -9.27 5.55 -18.77
N CYS A 846 -10.33 5.23 -17.99
CA CYS A 846 -10.87 3.87 -18.02
C CYS A 846 -11.33 3.52 -19.44
N CYS A 847 -12.02 4.45 -20.09
CA CYS A 847 -12.50 4.22 -21.44
C CYS A 847 -11.33 3.93 -22.38
N ALA A 848 -10.22 4.64 -22.23
CA ALA A 848 -9.06 4.45 -23.09
C ALA A 848 -8.34 3.13 -22.93
N PHE A 849 -8.69 2.37 -21.89
CA PHE A 849 -8.08 1.06 -21.65
C PHE A 849 -9.11 -0.08 -21.64
N SER A 850 -10.37 0.26 -21.86
CA SER A 850 -11.45 -0.73 -21.83
C SER A 850 -11.54 -1.69 -23.02
N ARG A 851 -10.76 -1.43 -24.06
CA ARG A 851 -10.79 -2.25 -25.25
C ARG A 851 -9.46 -2.93 -25.52
N GLN A 852 -9.49 -4.20 -25.90
CA GLN A 852 -8.27 -4.93 -26.21
C GLN A 852 -8.45 -5.76 -27.47
N ARG A 853 -7.45 -5.70 -28.36
CA ARG A 853 -7.50 -6.44 -29.62
C ARG A 853 -7.08 -7.91 -29.49
N THR A 854 -7.90 -8.82 -30.01
CA THR A 854 -7.59 -10.26 -29.95
C THR A 854 -7.33 -10.88 -31.33
N MET A 855 -6.32 -11.74 -31.38
CA MET A 855 -5.91 -12.45 -32.59
C MET A 855 -5.98 -13.94 -32.32
N ILE A 856 -7.09 -14.54 -32.75
CA ILE A 856 -7.32 -15.98 -32.58
C ILE A 856 -6.97 -16.67 -33.90
N GLY A 857 -5.66 -16.79 -34.17
CA GLY A 857 -5.21 -17.41 -35.40
C GLY A 857 -5.85 -16.81 -36.65
N GLU A 858 -5.36 -15.64 -37.08
CA GLU A 858 -5.86 -14.94 -38.27
C GLU A 858 -7.22 -14.27 -38.10
N SER A 859 -8.00 -14.72 -37.12
CA SER A 859 -9.33 -14.16 -36.85
C SER A 859 -9.21 -12.97 -35.88
N VAL A 860 -9.56 -11.78 -36.36
CA VAL A 860 -9.48 -10.56 -35.55
C VAL A 860 -10.76 -10.26 -34.76
N GLY A 861 -10.61 -10.08 -33.45
CA GLY A 861 -11.74 -9.76 -32.58
C GLY A 861 -11.37 -8.73 -31.52
N TYR A 862 -12.33 -8.37 -30.67
CA TYR A 862 -12.06 -7.38 -29.65
C TYR A 862 -12.79 -7.62 -28.33
N LEU A 863 -12.05 -7.50 -27.23
CA LEU A 863 -12.60 -7.65 -25.88
C LEU A 863 -12.96 -6.22 -25.49
N GLN A 864 -14.14 -6.03 -24.92
CA GLN A 864 -14.59 -4.68 -24.57
C GLN A 864 -15.41 -4.71 -23.29
N TYR A 865 -14.89 -4.03 -22.26
CA TYR A 865 -15.60 -3.94 -20.98
C TYR A 865 -16.60 -2.78 -21.08
N PRO A 866 -17.89 -3.04 -20.80
CA PRO A 866 -18.90 -1.97 -20.87
C PRO A 866 -18.63 -0.96 -19.77
N MET A 867 -19.07 0.28 -19.97
CA MET A 867 -18.87 1.32 -18.96
C MET A 867 -19.38 0.87 -17.58
N TRP A 868 -20.43 0.06 -17.58
CA TRP A 868 -21.00 -0.42 -16.35
C TRP A 868 -20.05 -1.27 -15.50
N SER A 869 -19.02 -1.85 -16.09
CA SER A 869 -18.10 -2.65 -15.29
C SER A 869 -17.30 -1.74 -14.36
N PHE A 870 -16.99 -0.55 -14.86
CA PHE A 870 -16.24 0.40 -14.06
C PHE A 870 -17.08 0.92 -12.91
N VAL A 871 -18.39 0.98 -13.11
CA VAL A 871 -19.26 1.45 -12.05
C VAL A 871 -19.18 0.44 -10.94
N TYR A 872 -19.37 -0.83 -11.30
CA TYR A 872 -19.31 -1.92 -10.34
C TYR A 872 -18.00 -1.87 -9.56
N TRP A 873 -16.92 -1.50 -10.23
CA TRP A 873 -15.61 -1.42 -9.60
C TRP A 873 -15.44 -0.22 -8.67
N GLY A 874 -16.40 0.70 -8.71
CA GLY A 874 -16.35 1.85 -7.83
C GLY A 874 -16.38 3.22 -8.49
N LEU A 875 -16.37 3.27 -9.82
CA LEU A 875 -16.36 4.55 -10.51
C LEU A 875 -17.78 5.11 -10.63
N PRO A 876 -18.07 6.22 -9.94
CA PRO A 876 -19.41 6.82 -9.99
C PRO A 876 -19.81 7.39 -11.33
N LEU A 877 -21.09 7.29 -11.65
CA LEU A 877 -21.65 7.80 -12.89
C LEU A 877 -21.69 9.31 -12.82
N VAL A 878 -21.62 9.96 -13.98
CA VAL A 878 -21.68 11.41 -14.10
C VAL A 878 -23.13 11.82 -14.29
N LYS A 879 -23.83 11.13 -15.20
CA LYS A 879 -25.23 11.44 -15.49
C LYS A 879 -25.82 10.27 -16.27
N ALA A 880 -26.99 9.80 -15.85
CA ALA A 880 -27.65 8.67 -16.52
C ALA A 880 -29.16 8.69 -16.34
N PHE A 881 -29.84 8.01 -17.27
CA PHE A 881 -31.30 7.89 -17.27
C PHE A 881 -32.06 9.21 -17.09
N GLY A 882 -31.56 10.27 -17.72
CA GLY A 882 -32.19 11.58 -17.62
C GLY A 882 -32.04 12.29 -16.28
N SER A 883 -31.03 11.93 -15.48
CA SER A 883 -30.86 12.56 -14.17
C SER A 883 -30.10 13.89 -14.21
N ASP A 884 -30.03 14.54 -13.05
CA ASP A 884 -29.26 15.77 -12.97
C ASP A 884 -27.81 15.31 -13.02
N PRO A 885 -26.89 16.19 -13.44
CA PRO A 885 -25.48 15.80 -13.51
C PRO A 885 -24.78 15.89 -12.15
N TRP A 886 -23.77 15.04 -11.98
CA TRP A 886 -22.93 14.98 -10.78
C TRP A 886 -23.60 14.75 -9.43
N ILE A 887 -24.64 13.92 -9.42
CA ILE A 887 -25.33 13.66 -8.18
C ILE A 887 -24.69 12.50 -7.45
N PHE A 888 -23.72 11.87 -8.07
CA PHE A 888 -23.05 10.73 -7.46
C PHE A 888 -21.66 11.07 -6.97
N SER A 889 -21.38 10.68 -5.72
CA SER A 889 -20.12 10.94 -5.07
C SER A 889 -19.13 9.80 -5.26
N TRP A 890 -17.83 10.08 -5.15
CA TRP A 890 -16.86 9.00 -5.30
C TRP A 890 -16.85 8.09 -4.06
N TYR A 891 -17.68 8.40 -3.06
CA TYR A 891 -17.75 7.55 -1.88
C TYR A 891 -18.81 6.48 -2.13
N MET A 892 -19.28 6.38 -3.36
CA MET A 892 -20.25 5.34 -3.70
C MET A 892 -19.55 4.02 -3.46
N PRO A 893 -20.18 3.11 -2.71
CA PRO A 893 -19.57 1.79 -2.43
C PRO A 893 -19.20 1.02 -3.69
N THR A 894 -18.52 -0.10 -3.49
CA THR A 894 -18.10 -0.95 -4.60
C THR A 894 -19.08 -2.13 -4.73
N GLY A 895 -18.95 -2.87 -5.83
CA GLY A 895 -19.81 -4.03 -6.03
C GLY A 895 -21.31 -3.88 -5.80
N ASP A 896 -21.94 -4.94 -5.30
CA ASP A 896 -23.38 -4.89 -5.07
C ASP A 896 -23.89 -3.73 -4.22
N LEU A 897 -23.16 -3.38 -3.17
CA LEU A 897 -23.60 -2.29 -2.30
C LEU A 897 -23.63 -0.94 -3.04
N GLY A 898 -22.67 -0.73 -3.94
CA GLY A 898 -22.64 0.50 -4.68
C GLY A 898 -23.71 0.49 -5.78
N MET A 899 -23.91 -0.68 -6.40
CA MET A 899 -24.90 -0.82 -7.46
C MET A 899 -26.27 -0.53 -6.87
N TYR A 900 -26.50 -1.04 -5.68
CA TYR A 900 -27.77 -0.81 -5.01
C TYR A 900 -27.94 0.66 -4.67
N SER A 901 -26.84 1.31 -4.31
CA SER A 901 -26.92 2.72 -3.94
C SER A 901 -27.29 3.64 -5.09
N TRP A 902 -26.54 3.59 -6.20
CA TRP A 902 -26.88 4.51 -7.28
C TRP A 902 -28.20 4.18 -7.93
N ILE A 903 -28.60 2.91 -7.92
CA ILE A 903 -29.89 2.53 -8.49
C ILE A 903 -31.03 3.10 -7.62
N SER A 904 -30.99 2.85 -6.32
CA SER A 904 -32.02 3.37 -5.43
C SER A 904 -32.15 4.89 -5.49
N LEU A 905 -31.03 5.58 -5.69
CA LEU A 905 -31.03 7.02 -5.77
C LEU A 905 -31.85 7.55 -6.95
N ILE A 906 -31.81 6.85 -8.08
CA ILE A 906 -32.58 7.33 -9.23
C ILE A 906 -33.59 6.30 -9.74
N ARG A 907 -33.98 5.36 -8.88
CA ARG A 907 -34.93 4.32 -9.26
C ARG A 907 -36.16 4.85 -10.04
N PRO A 908 -36.90 5.83 -9.46
CA PRO A 908 -38.07 6.35 -10.16
C PRO A 908 -37.67 6.82 -11.55
N LEU A 909 -36.53 7.51 -11.62
CA LEU A 909 -36.01 8.03 -12.88
C LEU A 909 -35.79 6.93 -13.89
N MET A 910 -35.14 5.85 -13.45
CA MET A 910 -34.85 4.73 -14.33
C MET A 910 -36.13 4.12 -14.87
N THR A 911 -37.10 3.92 -13.99
CA THR A 911 -38.37 3.36 -14.39
C THR A 911 -38.98 4.25 -15.46
N ARG A 912 -39.06 5.54 -15.16
CA ARG A 912 -39.63 6.50 -16.08
C ARG A 912 -38.92 6.49 -17.42
N TRP A 913 -37.59 6.44 -17.39
CA TRP A 913 -36.80 6.46 -18.61
C TRP A 913 -36.99 5.20 -19.44
N MET A 914 -36.99 4.05 -18.78
CA MET A 914 -37.15 2.79 -19.50
C MET A 914 -38.46 2.72 -20.25
N VAL A 915 -39.54 3.12 -19.59
CA VAL A 915 -40.84 3.09 -20.22
C VAL A 915 -40.84 4.07 -21.40
N ALA A 916 -40.45 5.30 -21.11
CA ALA A 916 -40.38 6.34 -22.14
C ALA A 916 -39.65 5.85 -23.36
N ASN A 917 -38.70 4.93 -23.19
CA ASN A 917 -37.94 4.41 -24.34
C ASN A 917 -38.37 3.04 -24.85
N GLY A 918 -39.64 2.70 -24.67
CA GLY A 918 -40.14 1.42 -25.15
C GLY A 918 -39.93 0.19 -24.28
N TYR A 919 -39.22 0.35 -23.16
CA TYR A 919 -38.98 -0.77 -22.26
C TYR A 919 -40.10 -0.88 -21.24
N VAL A 920 -41.25 -1.37 -21.71
CA VAL A 920 -42.42 -1.50 -20.86
C VAL A 920 -42.99 -2.92 -20.92
N THR A 921 -43.66 -3.32 -19.85
CA THR A 921 -44.25 -4.65 -19.75
C THR A 921 -45.54 -4.59 -18.94
N ASP A 922 -46.25 -5.71 -18.89
CA ASP A 922 -47.49 -5.79 -18.14
C ASP A 922 -47.30 -6.34 -16.75
N ARG A 923 -46.21 -7.08 -16.55
CA ARG A 923 -45.91 -7.63 -15.24
C ARG A 923 -45.41 -6.42 -14.43
N CYS A 924 -45.79 -6.34 -13.16
CA CYS A 924 -45.39 -5.22 -12.34
C CYS A 924 -44.17 -5.54 -11.52
N SER A 925 -43.07 -4.85 -11.83
CA SER A 925 -41.86 -5.14 -11.08
C SER A 925 -41.97 -4.43 -9.74
N THR A 926 -41.50 -5.11 -8.71
CA THR A 926 -41.51 -4.57 -7.37
C THR A 926 -40.52 -3.40 -7.23
N VAL A 927 -39.52 -3.37 -8.10
CA VAL A 927 -38.50 -2.35 -8.03
C VAL A 927 -38.62 -1.34 -9.14
N PHE A 928 -38.81 -1.83 -10.36
CA PHE A 928 -38.92 -0.96 -11.50
C PHE A 928 -40.34 -0.82 -12.06
N GLY A 929 -41.34 -1.20 -11.27
CA GLY A 929 -42.71 -1.10 -11.73
C GLY A 929 -43.01 -1.76 -13.07
N ASN A 930 -43.55 -0.98 -14.02
CA ASN A 930 -43.91 -1.48 -15.34
C ASN A 930 -42.77 -1.39 -16.36
N ALA A 931 -41.55 -1.20 -15.88
CA ALA A 931 -40.43 -1.11 -16.81
C ALA A 931 -39.90 -2.49 -17.13
N ASP A 932 -39.62 -2.72 -18.40
CA ASP A 932 -39.08 -4.00 -18.83
C ASP A 932 -37.57 -3.92 -18.60
N TYR A 933 -37.18 -3.88 -17.33
CA TYR A 933 -35.79 -3.76 -16.97
C TYR A 933 -34.88 -4.86 -17.51
N ARG A 934 -35.38 -6.09 -17.51
CA ARG A 934 -34.57 -7.21 -17.99
C ARG A 934 -34.05 -6.99 -19.39
N ARG A 935 -34.92 -6.56 -20.29
CA ARG A 935 -34.51 -6.31 -21.65
C ARG A 935 -33.66 -5.04 -21.73
N CYS A 936 -33.95 -4.06 -20.87
CA CYS A 936 -33.20 -2.82 -20.89
C CYS A 936 -31.76 -3.08 -20.46
N PHE A 937 -31.59 -3.70 -19.30
CA PHE A 937 -30.24 -3.96 -18.83
C PHE A 937 -29.42 -4.85 -19.78
N ASN A 938 -30.06 -5.73 -20.54
CA ASN A 938 -29.31 -6.57 -21.47
C ASN A 938 -28.89 -5.74 -22.67
N GLU A 939 -29.84 -4.98 -23.24
CA GLU A 939 -29.54 -4.14 -24.41
C GLU A 939 -28.48 -3.09 -24.07
N LEU A 940 -28.56 -2.46 -22.90
CA LEU A 940 -27.55 -1.47 -22.54
C LEU A 940 -26.23 -2.08 -22.02
N LYS A 941 -26.15 -3.41 -21.97
CA LYS A 941 -24.97 -4.11 -21.49
C LYS A 941 -24.71 -3.87 -19.99
N LEU A 942 -25.75 -3.44 -19.27
CA LEU A 942 -25.62 -3.19 -17.85
C LEU A 942 -25.43 -4.52 -17.11
N TYR A 943 -26.15 -5.56 -17.52
CA TYR A 943 -25.99 -6.86 -16.88
C TYR A 943 -24.63 -7.41 -17.28
N GLN A 944 -24.33 -7.36 -18.56
CA GLN A 944 -23.06 -7.83 -19.08
C GLN A 944 -21.87 -7.21 -18.32
N GLY A 945 -21.88 -5.89 -18.20
CA GLY A 945 -20.80 -5.22 -17.50
C GLY A 945 -20.71 -5.63 -16.04
N TYR A 946 -21.88 -5.85 -15.44
CA TYR A 946 -22.01 -6.25 -14.05
C TYR A 946 -21.33 -7.61 -13.81
N TYR A 947 -21.69 -8.59 -14.61
CA TYR A 947 -21.11 -9.92 -14.50
C TYR A 947 -19.67 -10.00 -15.03
N MET A 948 -19.35 -9.21 -16.04
CA MET A 948 -17.99 -9.23 -16.56
C MET A 948 -17.02 -8.73 -15.51
N ALA A 949 -17.40 -7.67 -14.81
CA ALA A 949 -16.57 -7.06 -13.76
C ALA A 949 -16.21 -8.07 -12.66
N GLN A 950 -17.08 -9.05 -12.45
CA GLN A 950 -16.89 -10.03 -11.41
C GLN A 950 -16.05 -11.24 -11.79
N LEU A 951 -15.46 -11.20 -12.97
CA LEU A 951 -14.60 -12.30 -13.40
C LEU A 951 -13.16 -11.95 -13.05
N PRO A 952 -12.40 -12.94 -12.58
CA PRO A 952 -11.00 -12.70 -12.21
C PRO A 952 -10.21 -12.28 -13.44
N ARG A 953 -9.39 -11.23 -13.28
CA ARG A 953 -8.58 -10.70 -14.38
C ARG A 953 -7.21 -11.38 -14.51
N ASN A 954 -7.14 -12.68 -14.18
CA ASN A 954 -5.91 -13.46 -14.24
C ASN A 954 -6.10 -14.90 -14.75
N PRO A 955 -5.62 -15.21 -15.96
CA PRO A 955 -5.77 -16.55 -16.51
C PRO A 955 -5.53 -17.66 -15.48
N LYS A 956 -6.46 -18.60 -15.40
CA LYS A 956 -6.36 -19.71 -14.45
C LYS A 956 -5.84 -20.96 -15.17
N GLU A 965 -0.70 -37.84 -10.27
CA GLU A 965 -0.35 -38.47 -9.00
C GLU A 965 0.64 -37.61 -8.19
N VAL A 966 1.41 -36.77 -8.86
CA VAL A 966 2.35 -35.94 -8.14
C VAL A 966 1.57 -34.86 -7.38
N ARG A 967 0.33 -34.63 -7.80
CA ARG A 967 -0.47 -33.61 -7.16
C ARG A 967 -0.86 -34.05 -5.76
N GLU A 968 -1.23 -35.32 -5.63
CA GLU A 968 -1.62 -35.86 -4.34
C GLU A 968 -0.44 -35.85 -3.37
N GLN A 969 0.77 -36.11 -3.90
CA GLN A 969 1.99 -36.15 -3.09
C GLN A 969 2.31 -34.77 -2.53
N PHE A 970 2.23 -33.78 -3.42
CA PHE A 970 2.50 -32.40 -3.06
C PHE A 970 1.57 -31.99 -1.93
N THR A 971 0.27 -31.98 -2.24
CA THR A 971 -0.75 -31.61 -1.27
C THR A 971 -0.58 -32.37 0.04
N GLN A 972 -0.28 -33.67 -0.05
CA GLN A 972 -0.08 -34.46 1.15
C GLN A 972 1.16 -33.96 1.91
N ALA A 973 2.17 -33.51 1.18
CA ALA A 973 3.39 -33.00 1.78
C ALA A 973 3.02 -31.76 2.59
N LEU A 974 2.35 -30.81 1.93
CA LEU A 974 1.92 -29.59 2.60
C LEU A 974 1.14 -29.99 3.84
N SER A 975 0.27 -30.98 3.70
CA SER A 975 -0.53 -31.43 4.82
C SER A 975 0.33 -31.92 6.02
N ASP A 976 1.39 -32.67 5.75
CA ASP A 976 2.23 -33.16 6.84
C ASP A 976 2.93 -31.99 7.51
N TYR A 977 3.27 -30.98 6.72
CA TYR A 977 3.95 -29.81 7.24
C TYR A 977 3.07 -29.12 8.28
N LEU A 978 1.81 -28.89 7.92
CA LEU A 978 0.87 -28.22 8.81
C LEU A 978 0.42 -29.12 9.96
N MET A 979 -0.04 -30.33 9.62
CA MET A 979 -0.52 -31.29 10.62
C MET A 979 0.62 -32.03 11.31
N GLN A 980 1.80 -31.45 11.26
CA GLN A 980 2.97 -32.04 11.88
C GLN A 980 2.63 -32.56 13.29
N ASN A 981 2.06 -31.70 14.12
CA ASN A 981 1.71 -32.08 15.47
C ASN A 981 0.43 -32.91 15.50
N PRO A 982 0.49 -34.13 16.07
CA PRO A 982 -0.65 -35.04 16.18
C PRO A 982 -1.86 -34.47 16.92
N GLU A 983 -1.61 -33.71 17.99
CA GLU A 983 -2.69 -33.12 18.78
C GLU A 983 -3.56 -32.17 17.95
N LEU A 984 -2.93 -31.41 17.07
CA LEU A 984 -3.66 -30.46 16.22
C LEU A 984 -4.58 -31.24 15.28
N LYS A 985 -4.05 -32.31 14.68
CA LYS A 985 -4.82 -33.13 13.76
C LYS A 985 -6.04 -33.72 14.45
N SER A 986 -5.82 -34.22 15.67
CA SER A 986 -6.90 -34.81 16.46
C SER A 986 -8.03 -33.81 16.66
N ARG A 987 -7.66 -32.55 16.83
CA ARG A 987 -8.67 -31.52 17.02
C ARG A 987 -9.54 -31.39 15.77
N VAL A 988 -8.88 -31.22 14.63
CA VAL A 988 -9.57 -31.06 13.36
C VAL A 988 -10.47 -32.24 13.01
N LEU A 989 -10.01 -33.45 13.32
CA LEU A 989 -10.80 -34.65 13.06
C LEU A 989 -12.03 -34.65 13.96
N ARG A 990 -11.85 -34.29 15.22
CA ARG A 990 -12.97 -34.23 16.15
C ARG A 990 -13.98 -33.25 15.59
N GLY A 991 -13.49 -32.08 15.18
CA GLY A 991 -14.37 -31.09 14.61
C GLY A 991 -15.16 -31.70 13.48
N ARG A 992 -14.50 -32.47 12.62
CA ARG A 992 -15.17 -33.09 11.49
C ARG A 992 -16.28 -34.07 11.85
N SER A 993 -16.00 -35.00 12.77
CA SER A 993 -17.03 -35.94 13.16
C SER A 993 -18.15 -35.16 13.87
N GLU A 994 -17.78 -34.17 14.66
CA GLU A 994 -18.78 -33.37 15.35
C GLU A 994 -19.61 -32.58 14.34
N TRP A 995 -18.95 -32.16 13.27
CA TRP A 995 -19.59 -31.38 12.23
C TRP A 995 -20.71 -32.13 11.52
N GLU A 996 -20.47 -33.41 11.24
CA GLU A 996 -21.47 -34.24 10.56
C GLU A 996 -22.73 -34.35 11.40
N LYS A 997 -22.55 -34.34 12.72
CA LYS A 997 -23.66 -34.45 13.64
C LYS A 997 -24.46 -33.18 13.85
N TYR A 998 -23.79 -32.04 14.02
CA TYR A 998 -24.51 -30.79 14.28
C TYR A 998 -24.50 -29.66 13.26
N GLY A 999 -23.53 -29.66 12.34
CA GLY A 999 -23.46 -28.56 11.39
C GLY A 999 -23.61 -28.80 9.90
N ALA A 1000 -23.36 -30.03 9.45
CA ALA A 1000 -23.48 -30.34 8.04
C ALA A 1000 -24.85 -29.92 7.48
N GLY A 1001 -24.87 -29.40 6.26
CA GLY A 1001 -26.14 -28.99 5.69
C GLY A 1001 -26.54 -27.56 6.01
N ILE A 1002 -26.27 -27.11 7.24
CA ILE A 1002 -26.63 -25.74 7.60
C ILE A 1002 -25.89 -24.75 6.71
N ILE A 1003 -24.58 -24.87 6.59
CA ILE A 1003 -23.83 -24.00 5.68
C ILE A 1003 -22.96 -24.96 4.88
N HIS A 1004 -22.42 -24.50 3.76
CA HIS A 1004 -21.59 -25.35 2.92
C HIS A 1004 -20.19 -24.76 2.73
N ASN A 1005 -19.92 -23.68 3.46
CA ASN A 1005 -18.66 -22.93 3.45
C ASN A 1005 -17.70 -23.22 4.61
N PRO A 1006 -17.91 -24.31 5.37
CA PRO A 1006 -17.02 -24.58 6.51
C PRO A 1006 -15.53 -24.45 6.27
N PRO A 1007 -14.91 -23.44 6.90
CA PRO A 1007 -13.46 -23.21 6.76
C PRO A 1007 -12.78 -24.35 7.54
N SER A 1008 -11.66 -24.86 7.04
CA SER A 1008 -11.01 -25.96 7.75
C SER A 1008 -9.51 -26.05 7.50
N LEU A 1009 -8.75 -26.43 8.53
CA LEU A 1009 -7.33 -26.58 8.34
C LEU A 1009 -7.04 -27.56 7.22
N PHE A 1010 -7.87 -28.59 7.06
CA PHE A 1010 -7.65 -29.55 5.96
C PHE A 1010 -7.75 -28.88 4.59
N ASP A 1011 -8.31 -27.68 4.55
CA ASP A 1011 -8.43 -26.93 3.30
C ASP A 1011 -7.14 -26.19 2.96
N VAL A 1012 -6.34 -25.92 3.98
CA VAL A 1012 -5.11 -25.17 3.78
C VAL A 1012 -4.13 -25.77 2.79
N PRO A 1013 -3.94 -27.10 2.83
CA PRO A 1013 -2.99 -27.65 1.85
C PRO A 1013 -3.40 -27.32 0.40
N HIS A 1014 -4.70 -27.37 0.11
CA HIS A 1014 -5.17 -27.07 -1.24
C HIS A 1014 -5.10 -25.58 -1.49
N LYS A 1015 -5.31 -24.79 -0.45
CA LYS A 1015 -5.24 -23.34 -0.58
C LYS A 1015 -3.82 -22.97 -0.98
N TRP A 1016 -2.84 -23.61 -0.35
CA TRP A 1016 -1.43 -23.33 -0.65
C TRP A 1016 -1.06 -23.77 -2.07
N TYR A 1017 -1.49 -24.97 -2.45
CA TYR A 1017 -1.21 -25.50 -3.78
C TYR A 1017 -1.71 -24.56 -4.86
N GLN A 1018 -2.93 -24.08 -4.67
CA GLN A 1018 -3.60 -23.17 -5.59
C GLN A 1018 -2.73 -21.92 -5.73
N GLY A 1019 -2.32 -21.37 -4.59
CA GLY A 1019 -1.50 -20.18 -4.61
C GLY A 1019 -0.18 -20.40 -5.31
N ALA A 1020 0.39 -21.59 -5.18
CA ALA A 1020 1.67 -21.89 -5.83
C ALA A 1020 1.43 -22.00 -7.32
N GLN A 1021 0.20 -22.36 -7.70
CA GLN A 1021 -0.14 -22.47 -9.10
C GLN A 1021 -0.33 -21.10 -9.71
N GLU A 1022 -1.16 -20.29 -9.06
CA GLU A 1022 -1.45 -18.94 -9.54
C GLU A 1022 -0.21 -18.05 -9.60
N ALA A 1023 0.85 -18.48 -8.93
CA ALA A 1023 2.09 -17.70 -8.90
C ALA A 1023 2.93 -17.93 -10.15
N ALA A 1024 2.67 -19.05 -10.81
CA ALA A 1024 3.39 -19.40 -12.03
C ALA A 1024 2.95 -18.45 -13.14
N ILE A 1025 3.73 -18.38 -14.22
CA ILE A 1025 3.39 -17.52 -15.35
C ILE A 1025 2.41 -18.25 -16.25
N ALA A 1026 1.33 -17.55 -16.59
CA ALA A 1026 0.28 -18.11 -17.44
C ALA A 1026 0.79 -18.60 -18.79
N THR A 1027 0.12 -19.62 -19.32
CA THR A 1027 0.48 -20.18 -20.61
C THR A 1027 -0.40 -19.50 -21.68
N ARG A 1028 0.07 -19.53 -22.93
CA ARG A 1028 -0.64 -18.92 -24.06
C ARG A 1028 -2.10 -19.34 -24.11
N GLU A 1029 -2.35 -20.64 -23.87
CA GLU A 1029 -3.70 -21.18 -23.89
C GLU A 1029 -4.51 -20.59 -22.74
N GLU A 1030 -3.90 -20.52 -21.57
CA GLU A 1030 -4.58 -19.98 -20.42
C GLU A 1030 -5.04 -18.55 -20.64
N LEU A 1031 -4.20 -17.75 -21.27
CA LEU A 1031 -4.54 -16.37 -21.55
C LEU A 1031 -5.70 -16.30 -22.52
N ALA A 1032 -5.70 -17.22 -23.49
CA ALA A 1032 -6.75 -17.28 -24.49
C ALA A 1032 -8.06 -17.72 -23.86
N GLU A 1033 -7.99 -18.57 -22.85
CA GLU A 1033 -9.20 -19.04 -22.19
C GLU A 1033 -9.83 -17.93 -21.38
N MET A 1034 -8.99 -17.08 -20.80
CA MET A 1034 -9.47 -15.96 -20.01
C MET A 1034 -10.29 -15.02 -20.91
N ASP A 1035 -9.80 -14.80 -22.13
CA ASP A 1035 -10.47 -13.94 -23.08
C ASP A 1035 -11.80 -14.56 -23.49
N GLU A 1036 -11.78 -15.85 -23.79
CA GLU A 1036 -13.00 -16.53 -24.18
C GLU A 1036 -14.04 -16.44 -23.06
N THR A 1037 -13.58 -16.52 -21.80
CA THR A 1037 -14.48 -16.43 -20.67
C THR A 1037 -15.10 -15.02 -20.65
N LEU A 1038 -14.29 -14.02 -20.98
CA LEU A 1038 -14.76 -12.64 -21.03
C LEU A 1038 -15.81 -12.45 -22.13
N MET A 1039 -15.49 -12.91 -23.35
CA MET A 1039 -16.43 -12.81 -24.47
C MET A 1039 -17.72 -13.59 -24.21
N ARG A 1040 -17.61 -14.68 -23.46
CA ARG A 1040 -18.79 -15.46 -23.18
C ARG A 1040 -19.73 -14.65 -22.31
N ALA A 1041 -19.17 -13.99 -21.30
CA ALA A 1041 -19.98 -13.19 -20.39
C ALA A 1041 -20.63 -11.99 -21.06
N ARG A 1042 -20.00 -11.47 -22.10
CA ARG A 1042 -20.55 -10.33 -22.81
C ARG A 1042 -21.63 -10.77 -23.81
N ARG A 1043 -21.54 -12.01 -24.27
CA ARG A 1043 -22.51 -12.53 -25.22
C ARG A 1043 -23.76 -13.12 -24.56
N HIS A 1044 -23.60 -13.68 -23.37
CA HIS A 1044 -24.70 -14.29 -22.62
C HIS A 1044 -25.75 -13.23 -22.28
N SER A 1045 -27.00 -13.66 -22.14
CA SER A 1045 -28.09 -12.75 -21.80
C SER A 1045 -28.58 -13.08 -20.39
N TYR A 1046 -28.71 -12.09 -19.53
CA TYR A 1046 -29.15 -12.33 -18.13
C TYR A 1046 -30.57 -11.88 -17.83
N SER A 1047 -31.06 -12.27 -16.66
CA SER A 1047 -32.41 -11.87 -16.27
C SER A 1047 -32.47 -11.29 -14.83
N SER A 1048 -31.31 -11.08 -14.22
CA SER A 1048 -31.28 -10.53 -12.87
C SER A 1048 -29.85 -10.33 -12.37
N PHE A 1049 -29.71 -9.57 -11.29
CA PHE A 1049 -28.41 -9.34 -10.67
C PHE A 1049 -28.15 -10.51 -9.70
N SER A 1050 -27.12 -10.36 -8.85
CA SER A 1050 -26.80 -11.38 -7.85
C SER A 1050 -27.99 -11.57 -6.92
N LYS A 1051 -28.04 -12.70 -6.22
CA LYS A 1051 -29.15 -12.92 -5.31
C LYS A 1051 -29.16 -11.89 -4.20
N LEU A 1052 -27.99 -11.48 -3.74
CA LEU A 1052 -27.92 -10.48 -2.67
C LEU A 1052 -28.44 -9.12 -3.13
N LEU A 1053 -28.03 -8.68 -4.31
CA LEU A 1053 -28.49 -7.40 -4.83
C LEU A 1053 -30.01 -7.41 -5.09
N GLU A 1054 -30.54 -8.54 -5.59
CA GLU A 1054 -31.97 -8.62 -5.82
C GLU A 1054 -32.73 -8.45 -4.48
N ALA A 1055 -32.09 -8.86 -3.39
CA ALA A 1055 -32.71 -8.73 -2.08
C ALA A 1055 -32.58 -7.30 -1.52
N TYR A 1056 -31.44 -6.64 -1.72
CA TYR A 1056 -31.29 -5.28 -1.20
C TYR A 1056 -32.29 -4.33 -1.89
N LEU A 1057 -32.50 -4.56 -3.19
CA LEU A 1057 -33.41 -3.76 -3.98
C LEU A 1057 -34.87 -3.76 -3.53
N LEU A 1058 -35.22 -4.68 -2.63
CA LEU A 1058 -36.59 -4.73 -2.11
C LEU A 1058 -36.73 -3.66 -1.03
N VAL A 1059 -35.60 -3.12 -0.59
CA VAL A 1059 -35.55 -2.11 0.46
C VAL A 1059 -35.51 -0.69 -0.09
N LYS A 1060 -36.48 0.13 0.34
CA LYS A 1060 -36.59 1.52 -0.09
C LYS A 1060 -36.40 2.47 1.10
N TRP A 1061 -35.90 3.67 0.82
CA TRP A 1061 -35.65 4.65 1.88
C TRP A 1061 -36.17 6.04 1.55
N ARG A 1062 -36.08 6.91 2.55
CA ARG A 1062 -36.49 8.30 2.41
C ARG A 1062 -35.36 9.14 2.99
N MET A 1063 -34.79 10.00 2.15
CA MET A 1063 -33.71 10.87 2.58
C MET A 1063 -34.32 12.17 3.10
N CYS A 1064 -33.90 12.58 4.30
CA CYS A 1064 -34.44 13.77 4.91
C CYS A 1064 -33.46 14.87 5.25
N GLU A 1065 -33.62 15.48 6.41
CA GLU A 1065 -32.78 16.60 6.84
C GLU A 1065 -31.28 16.33 6.73
N ALA A 1066 -30.54 17.37 6.35
CA ALA A 1066 -29.09 17.27 6.26
C ALA A 1066 -28.60 17.25 7.70
N ARG A 1067 -27.53 16.50 7.96
CA ARG A 1067 -26.98 16.43 9.31
C ARG A 1067 -26.26 17.74 9.66
N GLU A 1068 -26.17 18.03 10.95
CA GLU A 1068 -25.49 19.22 11.43
C GLU A 1068 -24.00 18.92 11.32
N PRO A 1069 -23.16 19.95 11.27
CA PRO A 1069 -21.72 19.68 11.17
C PRO A 1069 -21.20 18.88 12.37
N SER A 1070 -20.35 17.89 12.10
CA SER A 1070 -19.75 17.09 13.15
C SER A 1070 -18.46 17.79 13.55
N VAL A 1071 -17.95 18.61 12.64
CA VAL A 1071 -16.73 19.39 12.87
C VAL A 1071 -16.84 20.78 12.25
N ASP A 1072 -16.18 21.74 12.89
CA ASP A 1072 -16.18 23.14 12.46
C ASP A 1072 -15.83 23.32 10.97
N LEU A 1073 -16.61 24.14 10.27
CA LEU A 1073 -16.41 24.39 8.85
C LEU A 1073 -15.19 25.24 8.47
N ARG A 1074 -14.57 25.91 9.45
CA ARG A 1074 -13.38 26.72 9.16
C ARG A 1074 -12.14 25.88 9.42
N LEU A 1075 -12.33 24.61 9.74
CA LEU A 1075 -11.24 23.73 10.09
C LEU A 1075 -10.63 22.85 9.04
N PRO A 1076 -9.35 23.09 8.71
CA PRO A 1076 -8.63 22.30 7.70
C PRO A 1076 -8.25 20.91 8.26
N LEU A 1077 -8.71 19.84 7.62
CA LEU A 1077 -8.34 18.50 8.09
C LEU A 1077 -7.49 17.82 7.02
N CYS A 1078 -7.78 18.13 5.77
CA CYS A 1078 -7.02 17.55 4.66
C CYS A 1078 -6.87 18.58 3.55
N ALA A 1079 -5.65 19.08 3.36
CA ALA A 1079 -5.40 20.08 2.34
C ALA A 1079 -5.97 19.58 1.02
N GLY A 1080 -6.66 20.47 0.31
CA GLY A 1080 -7.29 20.11 -0.95
C GLY A 1080 -8.75 19.79 -0.68
N ILE A 1081 -9.06 19.43 0.55
CA ILE A 1081 -10.44 19.13 0.90
C ILE A 1081 -10.96 20.33 1.67
N ASP A 1082 -11.44 21.32 0.92
CA ASP A 1082 -11.95 22.56 1.47
C ASP A 1082 -13.21 22.99 0.70
N PRO A 1083 -13.76 24.17 1.03
CA PRO A 1083 -14.96 24.66 0.35
C PRO A 1083 -14.87 24.70 -1.18
N LEU A 1084 -13.67 24.52 -1.71
CA LEU A 1084 -13.46 24.52 -3.16
C LEU A 1084 -13.66 23.11 -3.76
N ASN A 1085 -13.70 22.08 -2.91
CA ASN A 1085 -13.91 20.70 -3.34
C ASN A 1085 -15.19 20.22 -2.63
N SER A 1086 -16.33 20.80 -3.01
CA SER A 1086 -17.64 20.57 -2.41
C SER A 1086 -18.03 19.20 -1.84
N ASP A 1087 -18.12 18.18 -2.70
CA ASP A 1087 -18.52 16.87 -2.22
C ASP A 1087 -17.63 16.32 -1.09
N PRO A 1088 -16.31 16.19 -1.32
CA PRO A 1088 -15.43 15.66 -0.26
C PRO A 1088 -15.47 16.50 1.02
N PHE A 1089 -15.51 17.82 0.87
CA PHE A 1089 -15.52 18.74 2.01
C PHE A 1089 -16.79 18.63 2.87
N LEU A 1090 -17.94 18.55 2.20
CA LEU A 1090 -19.21 18.44 2.89
C LEU A 1090 -19.31 17.06 3.57
N LYS A 1091 -18.85 16.02 2.89
CA LYS A 1091 -18.89 14.69 3.46
C LYS A 1091 -18.02 14.68 4.70
N MET A 1092 -16.84 15.28 4.60
CA MET A 1092 -15.91 15.36 5.72
C MET A 1092 -16.55 16.08 6.91
N VAL A 1093 -17.20 17.21 6.58
CA VAL A 1093 -17.83 18.06 7.56
C VAL A 1093 -19.09 17.45 8.17
N SER A 1094 -19.93 16.85 7.34
CA SER A 1094 -21.18 16.26 7.84
C SER A 1094 -20.97 14.93 8.55
N VAL A 1095 -20.25 14.02 7.92
CA VAL A 1095 -20.00 12.71 8.48
C VAL A 1095 -18.96 12.76 9.59
N GLY A 1096 -17.94 13.60 9.40
CA GLY A 1096 -16.89 13.72 10.39
C GLY A 1096 -15.74 12.76 10.13
N PRO A 1097 -14.51 13.13 10.48
CA PRO A 1097 -13.37 12.24 10.25
C PRO A 1097 -13.38 11.00 11.16
N MET A 1098 -12.76 9.92 10.68
CA MET A 1098 -12.63 8.70 11.45
C MET A 1098 -11.52 9.02 12.46
N LEU A 1099 -11.82 9.00 13.75
CA LEU A 1099 -10.81 9.36 14.73
C LEU A 1099 -10.12 8.22 15.48
N GLN A 1100 -10.12 7.03 14.87
CA GLN A 1100 -9.44 5.90 15.47
C GLN A 1100 -8.70 5.06 14.44
N SER A 1101 -7.60 4.47 14.86
CA SER A 1101 -6.85 3.60 13.96
C SER A 1101 -7.83 2.56 13.43
N THR A 1102 -7.87 2.40 12.12
CA THR A 1102 -8.76 1.44 11.49
C THR A 1102 -8.40 -0.01 11.80
N ARG A 1103 -7.13 -0.25 12.15
CA ARG A 1103 -6.70 -1.60 12.47
C ARG A 1103 -7.27 -1.99 13.84
N LYS A 1104 -7.27 -1.05 14.77
CA LYS A 1104 -7.77 -1.30 16.10
C LYS A 1104 -9.29 -1.31 16.11
N TYR A 1105 -9.90 -0.57 15.18
CA TYR A 1105 -11.34 -0.55 15.12
C TYR A 1105 -11.86 -1.89 14.62
N PHE A 1106 -11.33 -2.33 13.49
CA PHE A 1106 -11.74 -3.60 12.91
C PHE A 1106 -11.32 -4.83 13.69
N ALA A 1107 -10.29 -4.71 14.52
CA ALA A 1107 -9.87 -5.85 15.31
C ALA A 1107 -10.99 -6.18 16.32
N GLN A 1108 -11.90 -5.22 16.52
CA GLN A 1108 -13.02 -5.43 17.43
C GLN A 1108 -14.20 -6.06 16.73
N THR A 1109 -14.08 -6.33 15.44
CA THR A 1109 -15.18 -6.94 14.68
C THR A 1109 -14.96 -8.43 14.35
N LEU A 1110 -14.07 -9.08 15.07
CA LEU A 1110 -13.77 -10.47 14.83
C LEU A 1110 -13.78 -11.27 16.11
N PHE A 1111 -14.20 -12.52 16.05
CA PHE A 1111 -14.18 -13.32 17.25
C PHE A 1111 -12.77 -13.81 17.49
N MET A 1112 -12.01 -14.01 16.42
CA MET A 1112 -10.62 -14.48 16.48
C MET A 1112 -9.67 -13.64 15.63
N ALA A 1113 -8.74 -12.97 16.30
CA ALA A 1113 -7.76 -12.11 15.65
C ALA A 1113 -7.03 -12.74 14.46
N LYS A 1114 -6.44 -13.91 14.68
CA LYS A 1114 -5.73 -14.54 13.59
C LYS A 1114 -5.91 -16.04 13.50
N THR A 1115 -5.52 -16.61 12.36
CA THR A 1115 -5.63 -18.04 12.13
C THR A 1115 -4.47 -18.46 11.24
N VAL A 1116 -4.46 -19.70 10.82
CA VAL A 1116 -3.39 -20.18 9.95
C VAL A 1116 -3.36 -19.37 8.65
N SER A 1117 -2.16 -19.11 8.15
CA SER A 1117 -2.02 -18.39 6.89
C SER A 1117 -2.59 -19.35 5.88
N GLY A 1118 -3.62 -18.93 5.16
CA GLY A 1118 -4.25 -19.80 4.19
C GLY A 1118 -5.76 -19.81 4.40
N LEU A 1119 -6.20 -19.42 5.60
CA LEU A 1119 -7.62 -19.32 5.89
C LEU A 1119 -7.89 -17.83 6.15
N ASP A 1120 -9.12 -17.42 5.91
CA ASP A 1120 -9.49 -16.03 6.09
C ASP A 1120 -10.26 -15.82 7.40
N VAL A 1121 -9.63 -15.07 8.31
CA VAL A 1121 -10.25 -14.77 9.59
C VAL A 1121 -11.67 -14.21 9.40
N ASN A 1122 -11.88 -13.44 8.33
CA ASN A 1122 -13.19 -12.88 8.04
C ASN A 1122 -14.15 -13.98 7.59
N ALA A 1123 -13.62 -15.01 6.96
CA ALA A 1123 -14.45 -16.10 6.50
C ALA A 1123 -14.90 -16.93 7.70
N ILE A 1124 -13.98 -17.21 8.60
CA ILE A 1124 -14.29 -17.98 9.79
C ILE A 1124 -15.34 -17.23 10.59
N ASP A 1125 -15.18 -15.92 10.68
CA ASP A 1125 -16.15 -15.13 11.42
C ASP A 1125 -17.49 -15.17 10.70
N SER A 1126 -17.47 -15.31 9.38
CA SER A 1126 -18.70 -15.36 8.60
C SER A 1126 -19.39 -16.72 8.79
N ALA A 1127 -18.60 -17.78 8.82
CA ALA A 1127 -19.17 -19.12 8.99
C ALA A 1127 -19.88 -19.26 10.34
N LEU A 1128 -19.24 -18.74 11.39
CA LEU A 1128 -19.77 -18.80 12.74
C LEU A 1128 -21.05 -18.00 12.86
N LEU A 1129 -21.00 -16.75 12.40
CA LEU A 1129 -22.17 -15.92 12.50
C LEU A 1129 -23.31 -16.45 11.63
N ARG A 1130 -22.99 -17.02 10.48
CA ARG A 1130 -24.03 -17.54 9.62
C ARG A 1130 -24.69 -18.77 10.26
N LEU A 1131 -23.91 -19.65 10.87
CA LEU A 1131 -24.49 -20.81 11.52
C LEU A 1131 -25.45 -20.33 12.59
N ARG A 1132 -25.04 -19.29 13.32
CA ARG A 1132 -25.88 -18.74 14.38
C ARG A 1132 -27.19 -18.18 13.84
N THR A 1133 -27.11 -17.47 12.72
CA THR A 1133 -28.29 -16.88 12.11
C THR A 1133 -29.20 -17.98 11.57
N LEU A 1134 -28.58 -19.02 11.00
CA LEU A 1134 -29.32 -20.13 10.44
C LEU A 1134 -29.91 -21.06 11.49
N GLY A 1135 -29.90 -20.65 12.76
CA GLY A 1135 -30.47 -21.45 13.82
C GLY A 1135 -29.70 -22.68 14.26
N ALA A 1136 -28.45 -22.82 13.81
CA ALA A 1136 -27.67 -23.98 14.21
C ALA A 1136 -27.46 -23.97 15.71
N ASP A 1137 -27.13 -25.14 16.24
CA ASP A 1137 -26.89 -25.30 17.66
C ASP A 1137 -25.46 -24.93 18.06
N LYS A 1138 -25.31 -24.50 19.31
CA LYS A 1138 -24.02 -24.12 19.86
C LYS A 1138 -22.94 -25.14 19.47
N LYS A 1139 -23.26 -26.42 19.59
CA LYS A 1139 -22.30 -27.46 19.26
C LYS A 1139 -21.78 -27.38 17.83
N ALA A 1140 -22.57 -26.78 16.94
CA ALA A 1140 -22.16 -26.63 15.55
C ALA A 1140 -21.04 -25.57 15.49
N LEU A 1141 -21.21 -24.46 16.22
CA LEU A 1141 -20.17 -23.44 16.23
C LEU A 1141 -18.94 -24.04 16.88
N THR A 1142 -19.14 -24.94 17.83
CA THR A 1142 -18.04 -25.59 18.49
C THR A 1142 -17.33 -26.48 17.48
N ALA A 1143 -18.10 -27.17 16.65
CA ALA A 1143 -17.49 -28.02 15.63
C ALA A 1143 -16.65 -27.16 14.67
N GLN A 1144 -17.20 -26.02 14.26
CA GLN A 1144 -16.51 -25.14 13.33
C GLN A 1144 -15.19 -24.64 13.89
N LEU A 1145 -15.15 -24.37 15.19
CA LEU A 1145 -13.95 -23.87 15.84
C LEU A 1145 -12.89 -24.99 16.05
N LEU A 1146 -13.35 -26.23 16.11
CA LEU A 1146 -12.45 -27.36 16.29
C LEU A 1146 -11.81 -27.63 14.95
N MET A 1147 -12.56 -27.37 13.88
CA MET A 1147 -12.03 -27.58 12.55
C MET A 1147 -10.96 -26.55 12.16
N VAL A 1148 -10.87 -25.45 12.90
CA VAL A 1148 -9.83 -24.47 12.58
C VAL A 1148 -8.67 -24.53 13.58
N GLY A 1149 -8.64 -25.56 14.41
CA GLY A 1149 -7.53 -25.72 15.34
C GLY A 1149 -7.73 -25.56 16.83
N LEU A 1150 -8.80 -24.90 17.25
CA LEU A 1150 -9.04 -24.71 18.67
C LEU A 1150 -9.25 -25.97 19.49
N GLN A 1151 -8.86 -25.87 20.74
CA GLN A 1151 -8.99 -26.94 21.71
C GLN A 1151 -10.45 -26.92 22.18
N GLU A 1152 -11.08 -28.10 22.27
CA GLU A 1152 -12.47 -28.19 22.70
C GLU A 1152 -12.86 -27.23 23.81
N SER A 1153 -11.99 -27.06 24.81
CA SER A 1153 -12.29 -26.13 25.90
C SER A 1153 -12.59 -24.74 25.35
N GLU A 1154 -11.64 -24.18 24.62
CA GLU A 1154 -11.79 -22.83 24.06
C GLU A 1154 -12.92 -22.81 23.04
N ALA A 1155 -13.00 -23.88 22.25
CA ALA A 1155 -14.03 -24.03 21.24
C ALA A 1155 -15.40 -23.84 21.85
N ASP A 1156 -15.73 -24.71 22.80
CA ASP A 1156 -17.01 -24.69 23.49
C ASP A 1156 -17.29 -23.33 24.13
N ALA A 1157 -16.25 -22.73 24.69
CA ALA A 1157 -16.45 -21.44 25.34
C ALA A 1157 -16.68 -20.33 24.31
N LEU A 1158 -15.78 -20.20 23.33
CA LEU A 1158 -15.99 -19.15 22.32
C LEU A 1158 -17.36 -19.33 21.68
N ALA A 1159 -17.74 -20.57 21.39
CA ALA A 1159 -19.04 -20.83 20.77
C ALA A 1159 -20.19 -20.29 21.62
N GLY A 1160 -20.20 -20.69 22.89
CA GLY A 1160 -21.24 -20.25 23.80
C GLY A 1160 -21.24 -18.74 23.93
N LYS A 1161 -20.07 -18.16 23.76
CA LYS A 1161 -19.96 -16.71 23.85
C LYS A 1161 -20.62 -16.10 22.62
N ILE A 1162 -20.31 -16.68 21.46
CA ILE A 1162 -20.85 -16.20 20.21
C ILE A 1162 -22.38 -16.32 20.21
N MET A 1163 -22.90 -17.41 20.78
CA MET A 1163 -24.34 -17.60 20.82
C MET A 1163 -25.10 -16.50 21.58
N LEU A 1164 -24.46 -15.93 22.60
CA LEU A 1164 -25.13 -14.90 23.39
C LEU A 1164 -24.68 -13.49 23.11
N GLN A 1165 -23.70 -13.32 22.24
CA GLN A 1165 -23.19 -11.97 21.97
C GLN A 1165 -24.00 -11.04 21.09
N ASP A 1166 -23.99 -9.78 21.49
CA ASP A 1166 -24.65 -8.70 20.77
C ASP A 1166 -23.62 -8.24 19.76
N VAL A 1167 -23.73 -8.75 18.54
CA VAL A 1167 -22.79 -8.40 17.48
C VAL A 1167 -23.11 -7.02 16.88
N ASN A 1168 -22.10 -6.16 16.79
CA ASN A 1168 -22.32 -4.82 16.26
C ASN A 1168 -22.43 -4.85 14.75
N THR A 1169 -22.93 -3.75 14.19
CA THR A 1169 -23.19 -3.63 12.77
C THR A 1169 -22.18 -4.15 11.76
N VAL A 1170 -20.93 -3.69 11.86
CA VAL A 1170 -19.89 -4.11 10.95
C VAL A 1170 -19.62 -5.62 10.96
N GLN A 1171 -19.41 -6.18 12.14
CA GLN A 1171 -19.10 -7.59 12.20
C GLN A 1171 -20.23 -8.49 11.69
N LEU A 1172 -21.46 -8.16 12.06
CA LEU A 1172 -22.58 -8.98 11.65
C LEU A 1172 -22.84 -8.88 10.17
N ALA A 1173 -22.62 -7.69 9.62
CA ALA A 1173 -22.84 -7.46 8.19
C ALA A 1173 -22.07 -8.44 7.31
N ARG A 1174 -21.04 -9.07 7.85
CA ARG A 1174 -20.28 -10.03 7.07
C ARG A 1174 -21.08 -11.29 6.71
N VAL A 1175 -22.15 -11.58 7.44
CA VAL A 1175 -22.92 -12.79 7.12
C VAL A 1175 -23.44 -12.74 5.71
N VAL A 1176 -23.40 -11.55 5.11
CA VAL A 1176 -23.89 -11.41 3.76
C VAL A 1176 -22.84 -10.70 2.90
N ASN A 1177 -21.58 -10.86 3.31
CA ASN A 1177 -20.45 -10.28 2.62
C ASN A 1177 -20.41 -8.77 2.42
N LEU A 1178 -20.99 -8.01 3.35
CA LEU A 1178 -20.93 -6.56 3.23
C LEU A 1178 -19.69 -6.07 4.00
N ALA A 1179 -18.91 -5.21 3.36
CA ALA A 1179 -17.71 -4.67 3.97
C ALA A 1179 -17.71 -3.14 3.95
N VAL A 1180 -17.07 -2.53 4.94
CA VAL A 1180 -16.99 -1.06 4.96
C VAL A 1180 -16.11 -0.71 3.77
N PRO A 1181 -16.58 0.16 2.88
CA PRO A 1181 -15.82 0.57 1.69
C PRO A 1181 -14.49 1.26 2.02
N ASP A 1182 -13.43 0.89 1.31
CA ASP A 1182 -12.13 1.51 1.55
C ASP A 1182 -12.23 3.03 1.56
N THR A 1183 -12.91 3.58 0.56
CA THR A 1183 -13.04 5.03 0.49
C THR A 1183 -13.65 5.70 1.74
N TRP A 1184 -14.38 4.95 2.55
CA TRP A 1184 -15.02 5.50 3.75
C TRP A 1184 -14.11 5.51 4.98
N MET A 1185 -13.05 4.71 4.94
CA MET A 1185 -12.12 4.58 6.07
C MET A 1185 -11.60 5.88 6.68
N SER A 1186 -11.72 7.00 5.98
CA SER A 1186 -11.22 8.24 6.56
C SER A 1186 -12.33 9.04 7.25
N LEU A 1187 -13.55 8.53 7.18
CA LEU A 1187 -14.68 9.21 7.81
C LEU A 1187 -15.27 8.37 8.95
N ASP A 1188 -16.12 9.00 9.76
CA ASP A 1188 -16.75 8.31 10.87
C ASP A 1188 -17.96 7.47 10.44
N PHE A 1189 -17.69 6.31 9.84
CA PHE A 1189 -18.76 5.42 9.37
C PHE A 1189 -19.51 4.73 10.52
N ASP A 1190 -18.86 4.60 11.67
CA ASP A 1190 -19.47 3.97 12.84
C ASP A 1190 -20.64 4.83 13.27
N SER A 1191 -20.43 6.15 13.28
CA SER A 1191 -21.49 7.07 13.68
C SER A 1191 -22.61 7.11 12.66
N MET A 1192 -22.26 7.08 11.39
CA MET A 1192 -23.29 7.09 10.38
C MET A 1192 -24.23 5.89 10.56
N PHE A 1193 -23.67 4.69 10.75
CA PHE A 1193 -24.50 3.50 10.94
C PHE A 1193 -25.37 3.63 12.19
N LYS A 1194 -24.81 4.14 13.28
CA LYS A 1194 -25.56 4.25 14.54
C LYS A 1194 -26.61 5.34 14.74
N HIS A 1195 -26.26 6.58 14.44
CA HIS A 1195 -27.18 7.68 14.69
C HIS A 1195 -27.82 8.33 13.46
N HIS A 1196 -27.40 7.93 12.28
CA HIS A 1196 -27.96 8.60 11.13
C HIS A 1196 -28.63 7.77 10.03
N VAL A 1197 -28.92 6.52 10.35
CA VAL A 1197 -29.63 5.64 9.45
C VAL A 1197 -30.76 5.10 10.31
N LYS A 1198 -31.91 5.75 10.27
CA LYS A 1198 -33.06 5.36 11.09
C LYS A 1198 -33.85 4.22 10.46
N LEU A 1199 -34.05 3.15 11.23
CA LEU A 1199 -34.80 2.00 10.76
C LEU A 1199 -36.26 2.04 11.22
N LEU A 1200 -36.65 3.15 11.86
CA LEU A 1200 -38.03 3.36 12.31
C LEU A 1200 -38.55 4.39 11.34
N PRO A 1201 -39.38 3.97 10.36
CA PRO A 1201 -39.93 4.88 9.34
C PRO A 1201 -40.17 6.30 9.81
N LYS A 1202 -40.02 7.25 8.89
CA LYS A 1202 -40.20 8.66 9.20
C LYS A 1202 -41.52 8.93 9.95
N ASP A 1203 -42.58 8.25 9.54
CA ASP A 1203 -43.91 8.43 10.13
C ASP A 1203 -44.44 7.25 10.94
N GLY A 1204 -43.58 6.60 11.72
CA GLY A 1204 -44.06 5.49 12.51
C GLY A 1204 -43.71 4.09 12.03
N ARG A 1205 -44.48 3.11 12.51
CA ARG A 1205 -44.25 1.72 12.16
C ARG A 1205 -45.11 1.19 11.02
N HIS A 1206 -44.49 0.41 10.15
CA HIS A 1206 -45.16 -0.20 9.03
C HIS A 1206 -45.03 -1.70 9.20
N LEU A 1207 -46.01 -2.45 8.73
CA LEU A 1207 -45.95 -3.90 8.85
C LEU A 1207 -44.69 -4.44 8.19
N ASN A 1208 -44.34 -3.84 7.05
CA ASN A 1208 -43.16 -4.26 6.29
C ASN A 1208 -41.82 -3.87 6.88
N THR A 1209 -41.77 -2.77 7.62
CA THR A 1209 -40.52 -2.30 8.20
C THR A 1209 -40.16 -2.94 9.53
N ASP A 1210 -41.12 -3.60 10.18
CA ASP A 1210 -40.82 -4.20 11.47
C ASP A 1210 -39.78 -5.28 11.33
N ILE A 1211 -39.02 -5.49 12.40
CA ILE A 1211 -37.99 -6.51 12.40
C ILE A 1211 -38.53 -7.70 13.19
N PRO A 1212 -38.60 -8.88 12.56
CA PRO A 1212 -39.11 -10.05 13.27
C PRO A 1212 -38.20 -10.34 14.45
N PRO A 1213 -38.79 -10.83 15.56
CA PRO A 1213 -38.09 -11.16 16.80
C PRO A 1213 -36.75 -11.89 16.64
N ARG A 1214 -36.68 -12.88 15.77
CA ARG A 1214 -35.43 -13.61 15.62
C ARG A 1214 -34.56 -13.16 14.45
N MET A 1215 -34.90 -12.03 13.85
CA MET A 1215 -34.13 -11.53 12.73
C MET A 1215 -33.55 -10.13 13.00
N GLY A 1216 -33.14 -9.90 14.24
CA GLY A 1216 -32.58 -8.61 14.61
C GLY A 1216 -31.29 -8.35 13.83
N TRP A 1217 -30.71 -9.42 13.29
CA TRP A 1217 -29.48 -9.30 12.51
C TRP A 1217 -29.74 -8.51 11.25
N LEU A 1218 -31.00 -8.32 10.89
CA LEU A 1218 -31.35 -7.57 9.69
C LEU A 1218 -30.86 -6.13 9.81
N ARG A 1219 -31.04 -5.56 10.99
CA ARG A 1219 -30.64 -4.18 11.26
C ARG A 1219 -29.26 -3.83 10.76
N ALA A 1220 -28.33 -4.77 10.92
CA ALA A 1220 -26.95 -4.58 10.48
C ALA A 1220 -26.92 -4.37 8.98
N ILE A 1221 -27.54 -5.30 8.28
CA ILE A 1221 -27.58 -5.26 6.84
C ILE A 1221 -28.25 -3.97 6.39
N LEU A 1222 -29.41 -3.70 6.99
CA LEU A 1222 -30.16 -2.51 6.63
C LEU A 1222 -29.35 -1.24 6.85
N ARG A 1223 -28.52 -1.22 7.88
CA ARG A 1223 -27.74 -0.02 8.13
C ARG A 1223 -26.81 0.23 6.96
N PHE A 1224 -26.17 -0.82 6.46
CA PHE A 1224 -25.26 -0.65 5.33
C PHE A 1224 -25.99 -0.09 4.10
N LEU A 1225 -27.16 -0.64 3.78
CA LEU A 1225 -27.91 -0.17 2.62
C LEU A 1225 -28.23 1.32 2.71
N GLY A 1226 -28.73 1.75 3.86
CA GLY A 1226 -29.06 3.15 4.05
C GLY A 1226 -27.82 4.02 3.93
N ALA A 1227 -26.73 3.57 4.54
CA ALA A 1227 -25.49 4.33 4.50
C ALA A 1227 -24.99 4.41 3.06
N GLY A 1228 -25.20 3.32 2.32
CA GLY A 1228 -24.76 3.28 0.94
C GLY A 1228 -25.33 4.44 0.17
N MET A 1229 -26.66 4.62 0.25
CA MET A 1229 -27.31 5.71 -0.45
C MET A 1229 -26.88 7.08 0.05
N VAL A 1230 -26.73 7.22 1.37
CA VAL A 1230 -26.35 8.50 1.93
C VAL A 1230 -24.99 8.94 1.41
N MET A 1231 -24.04 8.02 1.41
CA MET A 1231 -22.69 8.32 0.97
C MET A 1231 -22.53 8.45 -0.54
N THR A 1232 -23.43 7.82 -1.28
CA THR A 1232 -23.38 7.88 -2.75
C THR A 1232 -23.96 9.20 -3.29
N ALA A 1233 -24.86 9.81 -2.52
CA ALA A 1233 -25.48 11.07 -2.93
C ALA A 1233 -24.54 12.27 -2.72
N THR A 1234 -24.20 12.94 -3.81
CA THR A 1234 -23.33 14.10 -3.76
C THR A 1234 -23.77 15.14 -2.72
N GLY A 1235 -22.82 15.71 -2.00
CA GLY A 1235 -23.16 16.74 -1.03
C GLY A 1235 -23.06 16.36 0.44
N VAL A 1236 -23.78 17.06 1.30
CA VAL A 1236 -23.73 16.75 2.73
C VAL A 1236 -24.36 15.40 3.05
N ALA A 1237 -23.77 14.68 3.99
CA ALA A 1237 -24.32 13.40 4.41
C ALA A 1237 -25.66 13.82 4.96
N VAL A 1238 -26.66 12.99 4.70
CA VAL A 1238 -28.01 13.31 5.11
C VAL A 1238 -28.53 12.20 6.01
N ASP A 1239 -29.61 12.48 6.73
CA ASP A 1239 -30.23 11.47 7.57
C ASP A 1239 -31.11 10.65 6.64
N ILE A 1240 -31.10 9.32 6.79
CA ILE A 1240 -31.94 8.52 5.92
C ILE A 1240 -32.89 7.63 6.75
N TYR A 1241 -34.15 7.55 6.33
CA TYR A 1241 -35.16 6.75 7.05
C TYR A 1241 -35.73 5.57 6.26
N LEU A 1242 -35.70 4.39 6.86
CA LEU A 1242 -36.24 3.20 6.21
C LEU A 1242 -37.69 3.52 5.90
N GLU A 1243 -38.10 3.30 4.66
CA GLU A 1243 -39.45 3.59 4.26
C GLU A 1243 -40.22 2.31 3.94
N ASP A 1244 -39.54 1.33 3.34
CA ASP A 1244 -40.24 0.10 3.00
C ASP A 1244 -39.39 -1.10 2.61
N ILE A 1245 -39.98 -2.27 2.80
CA ILE A 1245 -39.38 -3.55 2.43
C ILE A 1245 -40.52 -4.26 1.71
N HIS A 1246 -40.44 -4.36 0.39
CA HIS A 1246 -41.50 -4.98 -0.38
C HIS A 1246 -42.25 -6.17 0.22
N GLY A 1247 -41.57 -7.28 0.48
CA GLY A 1247 -42.28 -8.41 1.02
C GLY A 1247 -42.21 -8.53 2.54
N GLY A 1248 -41.89 -7.43 3.20
CA GLY A 1248 -41.80 -7.44 4.64
C GLY A 1248 -40.47 -7.98 5.15
N GLY A 1249 -40.15 -7.63 6.40
CA GLY A 1249 -38.91 -8.07 7.00
C GLY A 1249 -38.75 -9.56 7.13
N ARG A 1250 -39.86 -10.26 7.34
CA ARG A 1250 -39.77 -11.71 7.51
C ARG A 1250 -39.33 -12.37 6.22
N SER A 1251 -39.96 -11.97 5.11
CA SER A 1251 -39.63 -12.51 3.80
C SER A 1251 -38.20 -12.15 3.45
N LEU A 1252 -37.81 -10.93 3.77
CA LEU A 1252 -36.47 -10.47 3.44
C LEU A 1252 -35.43 -11.34 4.15
N GLY A 1253 -35.66 -11.61 5.43
CA GLY A 1253 -34.72 -12.43 6.18
C GLY A 1253 -34.49 -13.81 5.56
N GLN A 1254 -35.59 -14.48 5.20
CA GLN A 1254 -35.48 -15.81 4.61
C GLN A 1254 -34.67 -15.70 3.31
N ARG A 1255 -34.92 -14.64 2.56
CA ARG A 1255 -34.21 -14.43 1.31
C ARG A 1255 -32.69 -14.44 1.55
N PHE A 1256 -32.23 -13.73 2.58
CA PHE A 1256 -30.79 -13.71 2.89
C PHE A 1256 -30.36 -15.06 3.50
N MET A 1257 -31.27 -15.74 4.19
CA MET A 1257 -30.89 -17.03 4.77
C MET A 1257 -30.68 -18.06 3.66
N THR A 1258 -31.48 -17.96 2.59
CA THR A 1258 -31.32 -18.87 1.48
C THR A 1258 -29.93 -18.63 0.91
N TRP A 1259 -29.53 -17.36 0.81
CA TRP A 1259 -28.20 -17.05 0.30
C TRP A 1259 -27.11 -17.57 1.23
N MET A 1260 -27.32 -17.42 2.54
CA MET A 1260 -26.33 -17.85 3.51
C MET A 1260 -26.08 -19.35 3.43
N ARG A 1261 -27.13 -20.14 3.25
CA ARG A 1261 -26.94 -21.57 3.22
C ARG A 1261 -26.55 -22.11 1.86
N GLN A 1262 -26.64 -21.31 0.81
CA GLN A 1262 -26.28 -21.83 -0.50
C GLN A 1262 -24.85 -21.64 -0.97
N GLU A 1263 -24.06 -20.83 -0.27
CA GLU A 1263 -22.67 -20.57 -0.70
C GLU A 1263 -21.77 -21.76 -1.02
N GLY A 1264 -21.54 -21.95 -2.32
CA GLY A 1264 -20.70 -23.03 -2.78
C GLY A 1264 -21.34 -24.40 -2.61
N ARG A 1265 -22.32 -24.73 -3.46
CA ARG A 1265 -22.93 -26.04 -3.34
C ARG A 1265 -22.46 -27.01 -4.43
#